data_7QNX
#
_entry.id   7QNX
#
_cell.length_a   131.772
_cell.length_b   131.772
_cell.length_c   116.837
_cell.angle_alpha   90.000
_cell.angle_beta   90.000
_cell.angle_gamma   120.000
#
_symmetry.space_group_name_H-M   'P 32 2 1'
#
loop_
_entity.id
_entity.type
_entity.pdbx_description
1 polymer 'EY6A heavy chain'
2 polymer 'EY6A light chain'
3 polymer 'Beta-55 heavy chain'
4 polymer 'Beta-55 light chain'
5 polymer 'Surface glycoprotein'
6 branched 2-acetamido-2-deoxy-beta-D-glucopyranose-(1-4)-2-acetamido-2-deoxy-beta-D-glucopyranose
#
loop_
_entity_poly.entity_id
_entity_poly.type
_entity_poly.pdbx_seq_one_letter_code
_entity_poly.pdbx_strand_id
1 'polypeptide(L)'
;EVQLVESGGGVVQPGRSLRLSCAASAFTFSSYDMHWVRQAPGKGLEWVAVISYDGSNKYYADSVKGRFTISRDNSKNTLY
LQMNSLRAEDTAVYYCAKDGGKLWVYYFDYWGQGTLVTVSSASTKGPSVFPLAPSSKSTSGGTAALGCLVKDYFPEPVTV
SWNSGALTSGVHTFPAVLQSSGLYSLSSVVTVPSSSLGTQTYICNVNHKPSNTKVDKRVEPKSCDK
;
H
2 'polypeptide(L)'
;DIQMTQSPSSLSASVGDRVTITCRASQSISSYLNWYQQKPGKAPKLLIYAASSLQSGVPSRFSGSGSGTDFTLTISSLQP
EDFATYYCQQSYSTLALTFGGGTKVEIKRTVAAPSVFIFPPSDEQLKSGTASVVCLLNNFYPREAKVQWKVDNALQSGNS
QESVTEQDSKDSTYSLSSTLTLSKADYEKHKVYACEVTHQGLSSPVTKSFNRGEC
;
L
3 'polypeptide(L)'
;QVQLQESGPGLVKPSETLSLTCTVSGDSISSSRYYWGWIRQPPGKGLEWIGTFYYSGITYYNPSLKSRVTIFVDTSKNQF
SLKLSSVTAADTAVYYCARPRPPDYYDNSGALLFDIWGQGTMVTVSSASTKGPSVFPLAPSSKSTSGGTAALGCLVKDYF
PEPVTVSWNSGALTSGVHTFPAVLQSSGLYSLSSVVTVPSSSLGTQTYICNVNHKPSNTKVDKKVEPKSCDK
;
A
4 'polypeptide(L)'
;AIRMTQSPSTLSASVGDRVTIACRASQSISAWLAWYQQKPGKAPKLLIYKASSLESGVPSRFSGSGSGTEFTLTINSLQP
DDFATYYCQQYISSSPWTFGQGTKVEIKRTVAAPSVFIFPPSDEQLKSGTASVVCLLNNFYPREAKVQWKVDNALQSGNS
QESVTEQDSKDSTYSLSSTLTLSKADYEKHKVYACEVTHQGLSSPVTKSFNRGEC
;
B
5 'polypeptide(L)'
;HHHHHHTNLCPFGEVFNATRFASVYAWNRKRISNCVADYSVLYNSASFSTFKCYGVSPTKLNDLCFTNVYADSFVIRGDE
VRQIAPGQTGKIADYNYKLPDDFTGCVIAWNSNNLDSKVGGNYNYLYRLFRKSNLKPFERDISTEIYQAGSTPCNGVEGF
NCYFPLQSYGFQPTNGVGYQPYRVVVLSFELLHAPATVCGKK
;
E
#
# COMPACT_ATOMS: atom_id res chain seq x y z
N GLU A 1 6.75 39.21 -26.01
CA GLU A 1 5.44 39.32 -26.65
C GLU A 1 4.59 38.10 -26.36
N VAL A 2 5.26 36.95 -26.14
CA VAL A 2 4.56 35.70 -25.87
C VAL A 2 3.70 35.85 -24.63
N GLN A 3 2.44 35.39 -24.74
CA GLN A 3 1.45 35.54 -23.67
C GLN A 3 0.94 34.16 -23.27
N LEU A 4 1.04 33.85 -21.98
CA LEU A 4 0.52 32.60 -21.44
C LEU A 4 -0.33 32.93 -20.22
N VAL A 5 -1.59 32.51 -20.23
CA VAL A 5 -2.55 32.83 -19.18
C VAL A 5 -3.15 31.53 -18.66
N GLU A 6 -2.88 31.20 -17.41
CA GLU A 6 -3.47 30.03 -16.77
C GLU A 6 -4.82 30.36 -16.17
N SER A 7 -5.56 29.31 -15.84
CA SER A 7 -6.85 29.42 -15.16
C SER A 7 -7.26 28.02 -14.69
N GLY A 8 -8.25 27.98 -13.81
CA GLY A 8 -8.80 26.74 -13.32
C GLY A 8 -8.25 26.27 -11.99
N GLY A 9 -7.35 27.02 -11.37
CA GLY A 9 -6.82 26.62 -10.09
C GLY A 9 -7.78 26.91 -8.94
N GLY A 10 -7.52 26.26 -7.82
CA GLY A 10 -8.37 26.44 -6.65
C GLY A 10 -8.10 25.38 -5.59
N VAL A 11 -9.14 25.07 -4.83
CA VAL A 11 -9.05 24.10 -3.75
C VAL A 11 -9.69 22.79 -4.20
N VAL A 12 -9.15 21.68 -3.68
CA VAL A 12 -9.62 20.35 -4.05
C VAL A 12 -9.33 19.41 -2.89
N GLN A 13 -10.27 18.53 -2.60
CA GLN A 13 -10.08 17.53 -1.56
C GLN A 13 -9.19 16.39 -2.07
N PRO A 14 -8.52 15.68 -1.15
CA PRO A 14 -7.66 14.57 -1.59
C PRO A 14 -8.45 13.50 -2.33
N GLY A 15 -7.85 12.98 -3.40
CA GLY A 15 -8.46 11.97 -4.22
C GLY A 15 -9.34 12.49 -5.33
N ARG A 16 -9.79 13.73 -5.26
CA ARG A 16 -10.65 14.32 -6.27
C ARG A 16 -9.82 14.64 -7.52
N SER A 17 -10.42 15.37 -8.46
CA SER A 17 -9.77 15.73 -9.71
C SER A 17 -9.92 17.22 -9.97
N LEU A 18 -9.01 17.74 -10.79
CA LEU A 18 -9.02 19.15 -11.16
C LEU A 18 -8.35 19.31 -12.51
N ARG A 19 -8.81 20.28 -13.29
CA ARG A 19 -8.35 20.51 -14.65
C ARG A 19 -7.91 21.95 -14.81
N LEU A 20 -6.70 22.14 -15.33
CA LEU A 20 -6.14 23.47 -15.57
C LEU A 20 -6.13 23.78 -17.06
N SER A 21 -6.09 25.07 -17.39
CA SER A 21 -6.02 25.52 -18.77
C SER A 21 -4.91 26.57 -18.89
N CYS A 22 -4.48 26.79 -20.13
CA CYS A 22 -3.35 27.69 -20.40
C CYS A 22 -3.54 28.25 -21.81
N ALA A 23 -4.09 29.46 -21.90
CA ALA A 23 -4.31 30.08 -23.20
C ALA A 23 -3.05 30.78 -23.68
N ALA A 24 -2.65 30.48 -24.91
CA ALA A 24 -1.43 31.02 -25.49
C ALA A 24 -1.74 32.04 -26.57
N SER A 25 -0.80 32.96 -26.79
CA SER A 25 -0.97 34.02 -27.77
C SER A 25 0.40 34.48 -28.25
N ALA A 26 0.40 35.15 -29.41
CA ALA A 26 1.56 35.85 -29.95
C ALA A 26 2.71 34.91 -30.32
N PHE A 27 2.39 33.66 -30.65
CA PHE A 27 3.37 32.75 -31.23
C PHE A 27 2.64 31.56 -31.82
N THR A 28 3.27 30.91 -32.80
CA THR A 28 2.69 29.75 -33.45
C THR A 28 2.56 28.60 -32.45
N PHE A 29 1.41 28.54 -31.77
CA PHE A 29 1.23 27.58 -30.69
C PHE A 29 1.26 26.14 -31.20
N SER A 30 0.85 25.91 -32.44
CA SER A 30 0.72 24.55 -32.97
C SER A 30 2.05 23.95 -33.43
N SER A 31 3.16 24.68 -33.30
CA SER A 31 4.46 24.18 -33.74
C SER A 31 5.49 24.17 -32.63
N TYR A 32 5.05 24.28 -31.37
CA TYR A 32 5.95 24.23 -30.22
C TYR A 32 5.43 23.22 -29.21
N ASP A 33 6.37 22.60 -28.50
CA ASP A 33 6.01 21.75 -27.37
C ASP A 33 5.66 22.61 -26.17
N MET A 34 4.72 22.10 -25.37
CA MET A 34 4.27 22.81 -24.18
C MET A 34 4.58 21.97 -22.94
N HIS A 35 4.89 22.67 -21.85
CA HIS A 35 5.29 22.03 -20.60
C HIS A 35 4.37 22.46 -19.47
N TRP A 36 4.42 21.69 -18.38
CA TRP A 36 3.82 22.06 -17.11
C TRP A 36 4.90 21.91 -16.03
N VAL A 37 5.06 22.94 -15.21
CA VAL A 37 6.03 22.95 -14.12
C VAL A 37 5.32 23.47 -12.88
N ARG A 38 5.49 22.75 -11.77
CA ARG A 38 4.88 23.14 -10.50
C ARG A 38 5.97 23.46 -9.48
N GLN A 39 5.63 24.35 -8.55
CA GLN A 39 6.55 24.79 -7.50
C GLN A 39 5.80 24.80 -6.18
N ALA A 40 6.19 23.93 -5.27
CA ALA A 40 5.57 23.88 -3.96
C ALA A 40 5.87 25.17 -3.19
N PRO A 41 4.99 25.58 -2.29
CA PRO A 41 5.23 26.81 -1.51
C PRO A 41 6.53 26.72 -0.72
N GLY A 42 7.46 27.61 -1.06
CA GLY A 42 8.75 27.66 -0.38
C GLY A 42 9.75 26.63 -0.85
N LYS A 43 9.45 25.87 -1.90
CA LYS A 43 10.34 24.85 -2.41
C LYS A 43 10.86 25.25 -3.79
N GLY A 44 11.51 24.32 -4.47
CA GLY A 44 12.07 24.55 -5.79
C GLY A 44 11.09 24.25 -6.90
N LEU A 45 11.63 24.12 -8.11
CA LEU A 45 10.85 23.88 -9.31
C LEU A 45 10.89 22.41 -9.68
N GLU A 46 9.75 21.88 -10.12
CA GLU A 46 9.63 20.47 -10.49
C GLU A 46 8.88 20.37 -11.82
N TRP A 47 9.53 19.82 -12.82
CA TRP A 47 8.88 19.57 -14.11
C TRP A 47 7.83 18.48 -13.97
N VAL A 48 6.72 18.63 -14.68
CA VAL A 48 5.55 17.76 -14.52
C VAL A 48 5.28 16.96 -15.80
N ALA A 49 5.18 17.63 -16.94
CA ALA A 49 4.82 16.94 -18.17
C ALA A 49 5.22 17.78 -19.37
N VAL A 50 5.08 17.17 -20.56
CA VAL A 50 5.34 17.83 -21.82
C VAL A 50 4.45 17.18 -22.87
N ILE A 51 4.02 17.97 -23.84
CA ILE A 51 3.21 17.49 -24.96
C ILE A 51 3.81 17.98 -26.26
N SER A 52 3.71 17.14 -27.29
CA SER A 52 4.25 17.47 -28.60
C SER A 52 3.51 18.66 -29.21
N TYR A 53 4.07 19.19 -30.30
CA TYR A 53 3.45 20.33 -30.96
C TYR A 53 2.08 19.98 -31.53
N ASP A 54 1.91 18.74 -32.01
CA ASP A 54 0.65 18.29 -32.55
C ASP A 54 -0.23 17.59 -31.53
N GLY A 55 0.25 17.42 -30.30
CA GLY A 55 -0.53 16.81 -29.24
C GLY A 55 -0.57 15.31 -29.24
N SER A 56 0.21 14.64 -30.09
CA SER A 56 0.17 13.19 -30.17
C SER A 56 0.99 12.52 -29.07
N ASN A 57 2.02 13.19 -28.57
CA ASN A 57 2.95 12.61 -27.61
C ASN A 57 2.79 13.27 -26.25
N LYS A 58 2.87 12.45 -25.20
CA LYS A 58 2.73 12.90 -23.82
C LYS A 58 3.68 12.11 -22.94
N TYR A 59 4.49 12.83 -22.15
CA TYR A 59 5.41 12.21 -21.21
C TYR A 59 5.31 12.94 -19.88
N TYR A 60 5.37 12.18 -18.78
CA TYR A 60 5.14 12.72 -17.45
C TYR A 60 6.29 12.34 -16.54
N ALA A 61 6.54 13.20 -15.54
CA ALA A 61 7.47 12.85 -14.48
C ALA A 61 6.90 11.73 -13.63
N ASP A 62 7.80 11.00 -12.96
CA ASP A 62 7.38 9.81 -12.21
C ASP A 62 6.45 10.17 -11.05
N SER A 63 6.58 11.38 -10.50
CA SER A 63 5.75 11.77 -9.37
C SER A 63 4.28 11.95 -9.74
N VAL A 64 3.98 12.10 -11.03
CA VAL A 64 2.61 12.32 -11.50
C VAL A 64 2.20 11.31 -12.56
N LYS A 65 3.06 10.37 -12.92
CA LYS A 65 2.76 9.44 -13.99
C LYS A 65 1.58 8.54 -13.61
N GLY A 66 0.74 8.23 -14.59
CA GLY A 66 -0.47 7.47 -14.33
C GLY A 66 -1.50 8.18 -13.48
N ARG A 67 -1.30 9.46 -13.20
CA ARG A 67 -2.17 10.23 -12.32
C ARG A 67 -2.65 11.53 -12.96
N PHE A 68 -1.79 12.21 -13.71
CA PHE A 68 -2.15 13.41 -14.44
C PHE A 68 -2.24 13.10 -15.93
N THR A 69 -2.85 14.02 -16.67
CA THR A 69 -2.99 13.90 -18.11
C THR A 69 -2.89 15.28 -18.74
N ILE A 70 -2.06 15.39 -19.79
CA ILE A 70 -1.83 16.66 -20.48
C ILE A 70 -2.46 16.58 -21.87
N SER A 71 -3.02 17.70 -22.32
CA SER A 71 -3.65 17.76 -23.63
C SER A 71 -3.61 19.19 -24.13
N ARG A 72 -3.84 19.35 -25.43
CA ARG A 72 -3.80 20.67 -26.06
C ARG A 72 -4.81 20.72 -27.20
N ASP A 73 -5.31 21.92 -27.47
CA ASP A 73 -6.24 22.18 -28.56
C ASP A 73 -5.62 23.29 -29.41
N ASN A 74 -5.00 22.90 -30.53
CA ASN A 74 -4.32 23.88 -31.38
C ASN A 74 -5.29 24.81 -32.11
N SER A 75 -6.59 24.48 -32.14
CA SER A 75 -7.57 25.40 -32.71
C SER A 75 -7.91 26.54 -31.75
N LYS A 76 -7.76 26.31 -30.45
CA LYS A 76 -8.01 27.34 -29.45
C LYS A 76 -6.72 27.88 -28.82
N ASN A 77 -5.57 27.32 -29.15
CA ASN A 77 -4.28 27.73 -28.58
C ASN A 77 -4.29 27.62 -27.05
N THR A 78 -4.84 26.52 -26.54
CA THR A 78 -4.94 26.30 -25.10
C THR A 78 -4.31 24.97 -24.73
N LEU A 79 -3.60 24.96 -23.61
CA LEU A 79 -2.98 23.78 -23.05
C LEU A 79 -3.75 23.35 -21.80
N TYR A 80 -3.93 22.04 -21.64
CA TYR A 80 -4.72 21.50 -20.53
C TYR A 80 -3.88 20.54 -19.70
N LEU A 81 -4.28 20.38 -18.44
CA LEU A 81 -3.63 19.44 -17.53
C LEU A 81 -4.70 18.84 -16.63
N GLN A 82 -5.18 17.65 -16.99
CA GLN A 82 -6.17 16.95 -16.19
C GLN A 82 -5.47 16.26 -15.03
N MET A 83 -5.78 16.69 -13.81
CA MET A 83 -5.12 16.19 -12.60
C MET A 83 -6.14 15.34 -11.82
N ASN A 84 -5.94 14.03 -11.83
CA ASN A 84 -6.77 13.09 -11.10
C ASN A 84 -6.00 12.55 -9.90
N SER A 85 -6.75 12.09 -8.89
CA SER A 85 -6.19 11.51 -7.68
C SER A 85 -5.11 12.42 -7.07
N LEU A 86 -5.57 13.58 -6.61
CA LEU A 86 -4.67 14.60 -6.09
C LEU A 86 -4.32 14.33 -4.64
N ARG A 87 -3.02 14.29 -4.35
CA ARG A 87 -2.52 14.11 -3.00
C ARG A 87 -2.14 15.46 -2.40
N ALA A 88 -1.84 15.43 -1.10
CA ALA A 88 -1.37 16.64 -0.42
C ALA A 88 -0.05 17.13 -1.00
N GLU A 89 0.79 16.20 -1.47
CA GLU A 89 2.06 16.57 -2.07
C GLU A 89 1.90 17.25 -3.42
N ASP A 90 0.69 17.33 -3.96
CA ASP A 90 0.42 18.01 -5.22
C ASP A 90 0.09 19.49 -5.04
N THR A 91 0.05 19.99 -3.81
CA THR A 91 -0.25 21.40 -3.55
C THR A 91 0.92 22.26 -4.00
N ALA A 92 0.72 23.04 -5.06
CA ALA A 92 1.78 23.88 -5.61
C ALA A 92 1.14 24.90 -6.55
N VAL A 93 1.97 25.83 -7.02
CA VAL A 93 1.59 26.75 -8.09
C VAL A 93 2.03 26.13 -9.42
N TYR A 94 1.11 26.06 -10.37
CA TYR A 94 1.33 25.35 -11.62
C TYR A 94 1.53 26.34 -12.76
N TYR A 95 2.71 26.30 -13.37
CA TYR A 95 3.04 27.11 -14.54
C TYR A 95 2.96 26.27 -15.80
N CYS A 96 2.54 26.90 -16.89
CA CYS A 96 2.69 26.34 -18.22
C CYS A 96 3.79 27.11 -18.94
N ALA A 97 4.72 26.37 -19.57
CA ALA A 97 5.90 26.97 -20.17
C ALA A 97 6.01 26.55 -21.62
N LYS A 98 6.39 27.49 -22.48
CA LYS A 98 6.65 27.20 -23.88
C LYS A 98 8.06 26.66 -24.04
N ASP A 99 8.22 25.71 -24.96
CA ASP A 99 9.54 25.19 -25.29
C ASP A 99 10.22 26.14 -26.26
N GLY A 100 11.52 26.37 -26.06
CA GLY A 100 12.24 27.27 -26.94
C GLY A 100 12.39 26.71 -28.34
N GLY A 101 12.54 25.39 -28.45
CA GLY A 101 12.62 24.72 -29.73
C GLY A 101 13.92 24.88 -30.47
N LYS A 102 14.82 25.76 -30.04
CA LYS A 102 16.07 25.99 -30.73
C LYS A 102 17.13 24.92 -30.44
N LEU A 103 16.81 23.94 -29.60
CA LEU A 103 17.76 22.90 -29.22
C LEU A 103 17.15 21.53 -29.46
N TRP A 104 18.02 20.51 -29.51
CA TRP A 104 17.56 19.14 -29.57
C TRP A 104 16.88 18.68 -28.28
N VAL A 105 17.02 19.46 -27.20
CA VAL A 105 16.48 19.10 -25.90
C VAL A 105 15.47 20.15 -25.48
N TYR A 106 14.67 19.81 -24.47
CA TYR A 106 13.65 20.72 -23.97
C TYR A 106 14.30 21.85 -23.17
N TYR A 107 13.62 22.99 -23.16
CA TYR A 107 13.95 24.09 -22.25
C TYR A 107 12.83 25.12 -22.33
N PHE A 108 12.52 25.75 -21.19
CA PHE A 108 11.40 26.67 -21.09
C PHE A 108 11.90 28.10 -21.29
N ASP A 109 11.29 28.81 -22.23
CA ASP A 109 11.69 30.19 -22.52
C ASP A 109 10.66 31.23 -22.14
N TYR A 110 9.39 30.84 -21.96
CA TYR A 110 8.36 31.76 -21.52
C TYR A 110 7.39 31.02 -20.61
N TRP A 111 7.12 31.61 -19.45
CA TRP A 111 6.27 31.01 -18.44
C TRP A 111 5.01 31.85 -18.25
N GLY A 112 3.93 31.18 -17.85
CA GLY A 112 2.76 31.89 -17.41
C GLY A 112 2.87 32.31 -15.96
N GLN A 113 1.99 33.21 -15.54
CA GLN A 113 2.03 33.71 -14.17
C GLN A 113 1.63 32.65 -13.15
N GLY A 114 1.11 31.52 -13.59
CA GLY A 114 0.81 30.42 -12.70
C GLY A 114 -0.52 30.57 -11.98
N THR A 115 -1.00 29.46 -11.44
CA THR A 115 -2.23 29.43 -10.66
C THR A 115 -2.04 28.45 -9.51
N LEU A 116 -2.70 28.75 -8.39
CA LEU A 116 -2.52 27.98 -7.17
C LEU A 116 -3.50 26.80 -7.11
N VAL A 117 -2.99 25.65 -6.69
CA VAL A 117 -3.80 24.44 -6.50
C VAL A 117 -3.58 23.99 -5.06
N THR A 118 -4.63 24.07 -4.25
CA THR A 118 -4.56 23.72 -2.83
C THR A 118 -5.31 22.41 -2.62
N VAL A 119 -4.58 21.36 -2.23
CA VAL A 119 -5.16 20.05 -1.98
C VAL A 119 -5.23 19.86 -0.48
N SER A 120 -6.44 19.90 0.07
CA SER A 120 -6.64 19.69 1.50
C SER A 120 -8.09 19.29 1.74
N SER A 121 -8.31 18.65 2.89
CA SER A 121 -9.64 18.17 3.28
C SER A 121 -10.40 19.17 4.15
N ALA A 122 -10.10 20.45 4.03
CA ALA A 122 -10.75 21.49 4.81
C ALA A 122 -11.56 22.40 3.90
N SER A 123 -12.76 22.75 4.33
CA SER A 123 -13.59 23.69 3.59
C SER A 123 -13.25 25.13 3.95
N THR A 124 -13.77 26.06 3.16
CA THR A 124 -13.44 27.47 3.31
C THR A 124 -14.00 28.01 4.62
N LYS A 125 -13.13 28.33 5.56
CA LYS A 125 -13.51 28.89 6.84
C LYS A 125 -12.88 30.26 7.03
N GLY A 126 -13.63 31.19 7.61
CA GLY A 126 -13.13 32.52 7.89
C GLY A 126 -12.13 32.53 9.02
N PRO A 127 -11.31 33.59 9.07
CA PRO A 127 -10.28 33.66 10.11
C PRO A 127 -10.84 34.18 11.43
N SER A 128 -10.04 33.97 12.48
CA SER A 128 -10.27 34.57 13.78
C SER A 128 -9.12 35.53 14.05
N VAL A 129 -9.43 36.81 14.22
CA VAL A 129 -8.43 37.86 14.36
C VAL A 129 -8.27 38.18 15.84
N PHE A 130 -7.08 37.90 16.38
CA PHE A 130 -6.74 38.13 17.77
C PHE A 130 -5.68 39.21 17.90
N PRO A 131 -5.80 40.10 18.88
CA PRO A 131 -4.85 41.19 19.01
C PRO A 131 -3.56 40.75 19.71
N LEU A 132 -2.51 41.55 19.50
CA LEU A 132 -1.19 41.33 20.10
C LEU A 132 -0.79 42.65 20.75
N ALA A 133 -1.29 42.89 21.96
CA ALA A 133 -1.07 44.15 22.64
C ALA A 133 0.37 44.26 23.14
N PRO A 134 0.93 45.47 23.18
CA PRO A 134 2.30 45.64 23.67
C PRO A 134 2.37 45.67 25.19
N SER A 135 3.58 45.40 25.68
CA SER A 135 3.83 45.39 27.12
C SER A 135 4.61 46.62 27.55
N GLY A 142 12.98 52.23 24.40
CA GLY A 142 12.94 52.54 22.98
C GLY A 142 11.54 52.68 22.44
N THR A 143 11.21 51.88 21.43
CA THR A 143 9.90 51.89 20.80
C THR A 143 9.12 50.63 21.20
N ALA A 144 7.86 50.59 20.78
CA ALA A 144 6.97 49.49 21.11
C ALA A 144 6.57 48.73 19.84
N ALA A 145 5.93 47.58 20.04
CA ALA A 145 5.52 46.72 18.95
C ALA A 145 4.15 46.11 19.26
N LEU A 146 3.28 46.09 18.24
CA LEU A 146 1.96 45.50 18.37
C LEU A 146 1.52 44.99 17.01
N GLY A 147 0.48 44.17 17.00
CA GLY A 147 0.01 43.61 15.75
C GLY A 147 -1.23 42.75 15.95
N CYS A 148 -1.55 42.01 14.90
CA CYS A 148 -2.73 41.13 14.87
C CYS A 148 -2.32 39.72 14.49
N LEU A 149 -3.02 38.75 15.05
CA LEU A 149 -2.80 37.34 14.77
C LEU A 149 -4.01 36.81 14.00
N VAL A 150 -3.80 36.42 12.75
CA VAL A 150 -4.84 35.88 11.89
C VAL A 150 -4.71 34.36 11.94
N LYS A 151 -5.60 33.72 12.71
CA LYS A 151 -5.49 32.29 12.98
C LYS A 151 -6.72 31.56 12.47
N ASP A 152 -6.50 30.32 11.99
CA ASP A 152 -7.55 29.38 11.61
C ASP A 152 -8.40 29.93 10.46
N TYR A 153 -7.80 29.90 9.28
CA TYR A 153 -8.51 30.26 8.06
C TYR A 153 -8.06 29.35 6.93
N PHE A 154 -8.97 29.12 5.99
CA PHE A 154 -8.69 28.28 4.84
C PHE A 154 -9.58 28.74 3.70
N PRO A 155 -9.05 28.84 2.47
CA PRO A 155 -7.62 28.69 2.16
C PRO A 155 -6.91 30.03 2.06
N GLU A 156 -5.70 30.01 1.50
CA GLU A 156 -5.02 31.26 1.19
C GLU A 156 -5.78 32.03 0.11
N PRO A 157 -5.63 33.36 0.06
CA PRO A 157 -4.86 34.22 0.96
C PRO A 157 -5.72 35.13 1.83
N VAL A 158 -5.07 35.90 2.68
CA VAL A 158 -5.72 36.98 3.44
C VAL A 158 -4.90 38.24 3.25
N THR A 159 -5.58 39.38 3.17
CA THR A 159 -4.94 40.68 3.00
C THR A 159 -5.10 41.47 4.28
N VAL A 160 -3.98 41.90 4.86
CA VAL A 160 -3.97 42.64 6.12
C VAL A 160 -3.40 44.02 5.87
N SER A 161 -4.21 45.05 6.13
CA SER A 161 -3.78 46.44 6.08
C SER A 161 -4.09 47.11 7.41
N TRP A 162 -3.35 48.18 7.70
CA TRP A 162 -3.48 48.90 8.95
C TRP A 162 -4.01 50.29 8.70
N ASN A 163 -5.09 50.65 9.41
CA ASN A 163 -5.71 51.98 9.32
C ASN A 163 -6.13 52.31 7.89
N SER A 164 -6.63 51.29 7.18
CA SER A 164 -7.13 51.43 5.81
C SER A 164 -6.07 52.04 4.90
N GLY A 165 -4.86 51.50 4.97
CA GLY A 165 -3.77 51.93 4.12
C GLY A 165 -3.03 53.17 4.58
N ALA A 166 -3.47 53.84 5.64
CA ALA A 166 -2.78 55.01 6.13
C ALA A 166 -1.45 54.69 6.78
N LEU A 167 -1.16 53.41 7.04
CA LEU A 167 0.04 53.00 7.75
C LEU A 167 0.81 51.99 6.90
N THR A 168 2.02 52.37 6.49
CA THR A 168 2.90 51.48 5.74
C THR A 168 4.34 51.46 6.23
N SER A 169 4.75 52.38 7.10
CA SER A 169 6.10 52.40 7.64
C SER A 169 6.17 51.55 8.89
N GLY A 170 7.25 50.76 9.00
CA GLY A 170 7.42 49.89 10.15
C GLY A 170 6.35 48.83 10.29
N VAL A 171 5.82 48.33 9.18
CA VAL A 171 4.78 47.30 9.18
C VAL A 171 5.36 46.05 8.53
N HIS A 172 5.21 44.91 9.21
CA HIS A 172 5.66 43.62 8.70
C HIS A 172 4.49 42.64 8.72
N THR A 173 4.14 42.09 7.57
CA THR A 173 3.14 41.05 7.45
C THR A 173 3.85 39.76 7.05
N PHE A 174 3.72 38.73 7.88
CA PHE A 174 4.50 37.52 7.67
C PHE A 174 3.75 36.52 6.79
N PRO A 175 4.47 35.71 6.04
CA PRO A 175 3.83 34.62 5.31
C PRO A 175 3.13 33.66 6.26
N ALA A 176 2.05 33.07 5.78
CA ALA A 176 1.26 32.18 6.61
C ALA A 176 1.98 30.85 6.81
N VAL A 177 1.48 30.07 7.76
CA VAL A 177 1.98 28.72 8.02
C VAL A 177 0.81 27.76 8.01
N LEU A 178 1.07 26.53 7.63
CA LEU A 178 0.06 25.47 7.61
C LEU A 178 0.21 24.65 8.89
N GLN A 179 -0.73 24.83 9.81
CA GLN A 179 -0.71 24.10 11.07
C GLN A 179 -1.27 22.69 10.88
N SER A 180 -1.20 21.89 11.95
CA SER A 180 -1.61 20.50 11.88
C SER A 180 -3.10 20.34 11.63
N SER A 181 -3.91 21.36 11.92
CA SER A 181 -5.35 21.29 11.73
C SER A 181 -5.77 21.47 10.27
N GLY A 182 -4.81 21.52 9.35
CA GLY A 182 -5.10 21.80 7.96
C GLY A 182 -5.49 23.23 7.67
N LEU A 183 -5.43 24.11 8.67
CA LEU A 183 -5.78 25.51 8.51
C LEU A 183 -4.51 26.36 8.41
N TYR A 184 -4.70 27.66 8.24
CA TYR A 184 -3.59 28.59 8.09
C TYR A 184 -3.59 29.61 9.22
N SER A 185 -2.40 30.05 9.60
CA SER A 185 -2.19 31.05 10.63
C SER A 185 -1.21 32.09 10.13
N LEU A 186 -1.54 33.36 10.34
CA LEU A 186 -0.75 34.46 9.81
C LEU A 186 -0.61 35.56 10.86
N SER A 187 0.56 36.19 10.88
CA SER A 187 0.86 37.27 11.80
C SER A 187 1.11 38.56 11.02
N SER A 188 0.79 39.68 11.66
CA SER A 188 1.04 41.01 11.08
C SER A 188 1.30 41.97 12.22
N VAL A 189 2.45 42.64 12.18
CA VAL A 189 2.90 43.48 13.28
C VAL A 189 3.26 44.87 12.77
N VAL A 190 3.56 45.76 13.71
CA VAL A 190 3.95 47.13 13.39
C VAL A 190 4.68 47.71 14.60
N THR A 191 5.76 48.43 14.32
CA THR A 191 6.52 49.13 15.35
C THR A 191 6.14 50.60 15.32
N VAL A 192 5.53 51.07 16.41
CA VAL A 192 5.04 52.46 16.48
C VAL A 192 5.86 53.21 17.53
N PRO A 193 5.83 54.54 17.53
CA PRO A 193 6.50 55.29 18.61
C PRO A 193 5.90 54.92 19.97
N SER A 194 6.79 54.65 20.93
CA SER A 194 6.33 54.20 22.24
C SER A 194 5.55 55.28 22.97
N SER A 195 5.83 56.56 22.68
CA SER A 195 5.13 57.64 23.36
C SER A 195 3.64 57.63 23.00
N SER A 196 3.33 57.80 21.72
CA SER A 196 1.93 57.79 21.26
C SER A 196 1.43 56.35 21.19
N LEU A 197 1.19 55.78 22.37
CA LEU A 197 0.68 54.42 22.50
C LEU A 197 -0.75 54.38 22.98
N GLY A 198 -1.06 55.04 24.10
CA GLY A 198 -2.42 55.11 24.59
C GLY A 198 -3.15 56.33 24.04
N THR A 199 -2.64 56.89 22.95
CA THR A 199 -3.24 58.06 22.33
C THR A 199 -3.52 57.91 20.84
N GLN A 200 -2.90 56.95 20.16
CA GLN A 200 -3.10 56.73 18.73
C GLN A 200 -3.94 55.46 18.53
N THR A 201 -4.79 55.49 17.50
CA THR A 201 -5.66 54.37 17.19
C THR A 201 -4.98 53.46 16.17
N TYR A 202 -5.00 52.16 16.44
CA TYR A 202 -4.42 51.15 15.56
C TYR A 202 -5.43 50.05 15.31
N ILE A 203 -5.81 49.87 14.05
CA ILE A 203 -6.79 48.86 13.66
C ILE A 203 -6.24 48.12 12.44
N CYS A 204 -6.14 46.80 12.55
CA CYS A 204 -5.74 45.98 11.42
C CYS A 204 -6.96 45.57 10.61
N ASN A 205 -6.84 45.64 9.30
CA ASN A 205 -7.94 45.35 8.37
C ASN A 205 -7.66 44.01 7.72
N VAL A 206 -8.32 42.95 8.20
CA VAL A 206 -8.14 41.60 7.70
C VAL A 206 -9.30 41.28 6.77
N ASN A 207 -8.97 40.77 5.58
CA ASN A 207 -9.96 40.46 4.55
C ASN A 207 -9.70 39.07 4.01
N HIS A 208 -10.68 38.18 4.16
CA HIS A 208 -10.59 36.81 3.64
C HIS A 208 -11.58 36.69 2.48
N LYS A 209 -11.08 36.84 1.26
CA LYS A 209 -11.94 36.75 0.08
C LYS A 209 -12.61 35.39 -0.08
N PRO A 210 -11.93 34.25 0.11
CA PRO A 210 -12.61 32.95 -0.06
C PRO A 210 -13.80 32.75 0.87
N SER A 211 -13.86 33.45 2.00
CA SER A 211 -15.00 33.35 2.91
C SER A 211 -15.76 34.65 3.04
N ASN A 212 -15.31 35.72 2.39
CA ASN A 212 -15.93 37.05 2.48
C ASN A 212 -16.07 37.49 3.95
N THR A 213 -14.91 37.71 4.56
CA THR A 213 -14.82 38.08 5.97
C THR A 213 -13.87 39.26 6.09
N LYS A 214 -14.42 40.46 6.21
CA LYS A 214 -13.65 41.69 6.37
C LYS A 214 -13.80 42.12 7.83
N VAL A 215 -12.75 41.87 8.63
CA VAL A 215 -12.76 42.11 10.06
C VAL A 215 -11.81 43.26 10.37
N ASP A 216 -12.25 44.20 11.20
CA ASP A 216 -11.45 45.34 11.64
C ASP A 216 -11.37 45.28 13.16
N LYS A 217 -10.22 44.86 13.69
CA LYS A 217 -10.01 44.70 15.12
C LYS A 217 -9.09 45.80 15.62
N ARG A 218 -9.50 46.47 16.70
CA ARG A 218 -8.67 47.52 17.28
C ARG A 218 -7.68 46.91 18.27
N VAL A 219 -6.44 47.36 18.21
CA VAL A 219 -5.36 46.86 19.05
C VAL A 219 -4.96 47.97 20.02
N GLU A 220 -5.05 47.68 21.31
CA GLU A 220 -4.71 48.62 22.36
C GLU A 220 -4.08 47.86 23.52
N PRO A 221 -3.14 48.49 24.24
CA PRO A 221 -2.45 47.85 25.37
C PRO A 221 -3.42 47.46 26.49
N ASP B 1 17.48 10.12 -10.81
CA ASP B 1 17.56 11.40 -11.52
C ASP B 1 18.92 12.04 -11.33
N ILE B 2 19.24 13.01 -12.20
CA ILE B 2 20.46 13.78 -12.07
C ILE B 2 20.25 14.88 -11.05
N GLN B 3 21.11 14.96 -10.05
CA GLN B 3 21.01 15.97 -9.01
C GLN B 3 21.79 17.21 -9.41
N MET B 4 21.15 18.37 -9.26
CA MET B 4 21.78 19.66 -9.52
C MET B 4 22.02 20.37 -8.20
N THR B 5 23.28 20.66 -7.90
CA THR B 5 23.67 21.29 -6.64
C THR B 5 24.23 22.68 -6.94
N GLN B 6 23.59 23.70 -6.39
CA GLN B 6 24.03 25.08 -6.55
C GLN B 6 24.79 25.53 -5.31
N SER B 7 25.74 26.44 -5.52
CA SER B 7 26.53 26.97 -4.43
C SER B 7 27.01 28.36 -4.80
N PRO B 8 26.89 29.35 -3.90
CA PRO B 8 26.31 29.18 -2.57
C PRO B 8 24.78 29.15 -2.59
N SER B 9 24.16 28.68 -1.50
CA SER B 9 22.71 28.76 -1.41
C SER B 9 22.24 30.20 -1.34
N SER B 10 23.08 31.10 -0.84
CA SER B 10 22.76 32.51 -0.74
C SER B 10 24.05 33.31 -0.76
N LEU B 11 23.98 34.53 -1.28
CA LEU B 11 25.13 35.43 -1.29
C LEU B 11 24.63 36.86 -1.21
N SER B 12 25.46 37.73 -0.63
CA SER B 12 25.12 39.13 -0.41
C SER B 12 26.07 40.00 -1.23
N ALA B 13 25.49 40.94 -1.99
CA ALA B 13 26.28 41.84 -2.82
C ALA B 13 25.61 43.20 -2.84
N SER B 14 26.32 44.17 -3.41
CA SER B 14 25.81 45.53 -3.60
C SER B 14 25.83 45.87 -5.08
N VAL B 15 25.12 46.95 -5.43
CA VAL B 15 24.99 47.35 -6.82
C VAL B 15 26.36 47.65 -7.40
N GLY B 16 26.64 47.08 -8.58
CA GLY B 16 27.90 47.24 -9.24
C GLY B 16 28.85 46.06 -9.08
N ASP B 17 28.61 45.21 -8.09
CA ASP B 17 29.47 44.06 -7.85
C ASP B 17 29.29 43.01 -8.95
N ARG B 18 30.34 42.21 -9.16
CA ARG B 18 30.28 41.09 -10.08
C ARG B 18 29.90 39.84 -9.30
N VAL B 19 28.83 39.17 -9.74
CA VAL B 19 28.30 37.99 -9.06
C VAL B 19 28.56 36.77 -9.93
N THR B 20 28.93 35.66 -9.27
CA THR B 20 29.20 34.41 -9.95
C THR B 20 28.53 33.28 -9.19
N ILE B 21 27.69 32.51 -9.86
CA ILE B 21 26.96 31.40 -9.26
C ILE B 21 27.45 30.10 -9.88
N THR B 22 27.59 29.06 -9.05
CA THR B 22 28.08 27.77 -9.49
C THR B 22 26.94 26.75 -9.46
N CYS B 23 26.93 25.86 -10.46
CA CYS B 23 25.91 24.82 -10.58
C CYS B 23 26.61 23.53 -10.98
N ARG B 24 26.54 22.52 -10.13
CA ARG B 24 27.16 21.23 -10.37
C ARG B 24 26.11 20.17 -10.66
N ALA B 25 26.47 19.22 -11.52
CA ALA B 25 25.59 18.13 -11.91
C ALA B 25 26.19 16.80 -11.46
N SER B 26 25.33 15.92 -10.93
CA SER B 26 25.79 14.63 -10.43
C SER B 26 26.39 13.76 -11.52
N GLN B 27 26.16 14.08 -12.79
CA GLN B 27 26.78 13.37 -13.90
C GLN B 27 26.91 14.34 -15.07
N SER B 28 27.74 13.96 -16.04
CA SER B 28 28.01 14.83 -17.17
C SER B 28 26.76 15.07 -17.99
N ILE B 29 26.30 16.32 -18.02
CA ILE B 29 25.14 16.71 -18.80
C ILE B 29 25.54 17.46 -20.07
N SER B 30 26.80 17.30 -20.51
CA SER B 30 27.32 17.96 -21.69
C SER B 30 27.19 19.48 -21.58
N SER B 31 26.34 20.07 -22.42
CA SER B 31 26.18 21.53 -22.45
C SER B 31 24.73 21.96 -22.28
N TYR B 32 23.82 21.03 -21.95
CA TYR B 32 22.39 21.35 -21.86
C TYR B 32 22.04 21.79 -20.45
N LEU B 33 22.53 22.98 -20.10
CA LEU B 33 22.29 23.60 -18.81
C LEU B 33 21.68 24.98 -19.04
N ASN B 34 20.62 25.29 -18.30
CA ASN B 34 19.87 26.52 -18.48
C ASN B 34 19.72 27.25 -17.16
N TRP B 35 19.72 28.57 -17.21
CA TRP B 35 19.61 29.43 -16.03
C TRP B 35 18.30 30.19 -16.04
N TYR B 36 17.67 30.27 -14.88
CA TYR B 36 16.40 30.97 -14.72
C TYR B 36 16.47 31.93 -13.54
N GLN B 37 15.81 33.07 -13.68
CA GLN B 37 15.67 34.04 -12.61
C GLN B 37 14.21 34.08 -12.15
N GLN B 38 13.99 34.08 -10.84
CA GLN B 38 12.65 34.18 -10.28
C GLN B 38 12.64 35.19 -9.15
N LYS B 39 11.83 36.23 -9.30
CA LYS B 39 11.52 37.14 -8.22
C LYS B 39 10.43 36.53 -7.34
N PRO B 40 10.31 36.98 -6.09
CA PRO B 40 9.21 36.50 -5.24
C PRO B 40 7.86 36.90 -5.82
N GLY B 41 6.93 35.94 -5.81
CA GLY B 41 5.59 36.18 -6.31
C GLY B 41 5.49 36.29 -7.83
N LYS B 42 6.54 35.97 -8.56
CA LYS B 42 6.53 36.06 -10.01
C LYS B 42 6.97 34.72 -10.60
N ALA B 43 6.66 34.55 -11.88
CA ALA B 43 7.10 33.37 -12.61
C ALA B 43 8.59 33.47 -12.92
N PRO B 44 9.26 32.34 -13.13
CA PRO B 44 10.67 32.38 -13.53
C PRO B 44 10.83 32.98 -14.92
N LYS B 45 12.05 33.46 -15.18
CA LYS B 45 12.40 34.06 -16.46
C LYS B 45 13.68 33.41 -16.96
N LEU B 46 13.67 32.97 -18.22
CA LEU B 46 14.85 32.33 -18.79
C LEU B 46 15.94 33.35 -19.08
N LEU B 47 17.15 33.05 -18.63
CA LEU B 47 18.31 33.91 -18.83
C LEU B 47 19.29 33.33 -19.83
N ILE B 48 19.82 32.14 -19.55
CA ILE B 48 20.78 31.47 -20.41
C ILE B 48 20.23 30.09 -20.75
N TYR B 49 20.44 29.67 -21.99
CA TYR B 49 20.17 28.30 -22.40
C TYR B 49 21.39 27.73 -23.09
N ALA B 50 21.50 26.41 -23.09
CA ALA B 50 22.65 25.70 -23.65
C ALA B 50 23.96 26.25 -23.08
N ALA B 51 24.01 26.30 -21.74
CA ALA B 51 25.18 26.71 -20.97
C ALA B 51 25.54 28.18 -21.15
N SER B 52 25.67 28.64 -22.41
CA SER B 52 26.24 29.96 -22.66
C SER B 52 25.44 30.84 -23.62
N SER B 53 24.36 30.34 -24.22
CA SER B 53 23.60 31.13 -25.18
C SER B 53 22.67 32.09 -24.44
N LEU B 54 22.83 33.39 -24.69
CA LEU B 54 22.02 34.40 -24.03
C LEU B 54 20.66 34.53 -24.72
N GLN B 55 19.59 34.47 -23.93
CA GLN B 55 18.25 34.59 -24.49
C GLN B 55 18.00 36.01 -25.00
N SER B 56 17.21 36.10 -26.06
CA SER B 56 16.90 37.39 -26.66
C SER B 56 16.11 38.26 -25.70
N GLY B 57 16.59 39.49 -25.48
CA GLY B 57 15.97 40.42 -24.58
C GLY B 57 16.62 40.50 -23.21
N VAL B 58 17.49 39.56 -22.87
CA VAL B 58 18.17 39.54 -21.58
C VAL B 58 19.39 40.44 -21.67
N PRO B 59 19.66 41.27 -20.65
CA PRO B 59 20.83 42.15 -20.71
C PRO B 59 22.12 41.37 -20.87
N SER B 60 23.07 41.97 -21.59
CA SER B 60 24.35 41.32 -21.87
C SER B 60 25.25 41.23 -20.65
N ARG B 61 24.83 41.74 -19.48
CA ARG B 61 25.61 41.56 -18.27
C ARG B 61 25.49 40.16 -17.69
N PHE B 62 24.57 39.34 -18.20
CA PHE B 62 24.47 37.94 -17.82
C PHE B 62 25.25 37.09 -18.82
N SER B 63 25.92 36.06 -18.31
CA SER B 63 26.69 35.17 -19.16
C SER B 63 26.86 33.83 -18.48
N GLY B 64 26.95 32.78 -19.29
CA GLY B 64 27.17 31.44 -18.77
C GLY B 64 28.38 30.81 -19.43
N SER B 65 28.91 29.79 -18.77
CA SER B 65 30.09 29.09 -19.27
C SER B 65 30.17 27.73 -18.58
N GLY B 66 31.04 26.87 -19.13
CA GLY B 66 31.28 25.56 -18.56
C GLY B 66 30.60 24.46 -19.33
N SER B 67 31.11 23.24 -19.15
CA SER B 67 30.53 22.05 -19.76
C SER B 67 30.86 20.85 -18.89
N GLY B 68 30.08 19.78 -19.07
CA GLY B 68 30.29 18.57 -18.30
C GLY B 68 29.51 18.53 -17.01
N THR B 69 30.16 18.93 -15.91
CA THR B 69 29.52 18.94 -14.60
C THR B 69 29.55 20.28 -13.90
N ASP B 70 30.52 21.15 -14.22
CA ASP B 70 30.67 22.44 -13.54
C ASP B 70 30.23 23.55 -14.49
N PHE B 71 29.27 24.36 -14.03
CA PHE B 71 28.74 25.47 -14.81
C PHE B 71 28.76 26.75 -13.98
N THR B 72 28.72 27.89 -14.66
CA THR B 72 28.87 29.18 -14.01
C THR B 72 27.98 30.22 -14.68
N LEU B 73 27.21 30.94 -13.87
CA LEU B 73 26.44 32.11 -14.32
C LEU B 73 27.06 33.35 -13.68
N THR B 74 27.44 34.32 -14.51
CA THR B 74 28.13 35.52 -14.05
C THR B 74 27.32 36.76 -14.40
N ILE B 75 27.08 37.61 -13.40
CA ILE B 75 26.51 38.94 -13.60
C ILE B 75 27.66 39.93 -13.48
N SER B 76 28.04 40.53 -14.62
CA SER B 76 29.24 41.37 -14.63
C SER B 76 29.08 42.58 -13.73
N SER B 77 27.91 43.22 -13.75
CA SER B 77 27.64 44.38 -12.91
C SER B 77 26.23 44.25 -12.36
N LEU B 78 26.12 43.99 -11.06
CA LEU B 78 24.82 43.76 -10.44
C LEU B 78 24.00 45.04 -10.43
N GLN B 79 22.81 45.00 -11.00
CA GLN B 79 21.86 46.10 -11.03
C GLN B 79 20.76 45.86 -10.01
N PRO B 80 20.07 46.93 -9.57
CA PRO B 80 19.06 46.74 -8.52
C PRO B 80 17.93 45.78 -8.89
N GLU B 81 17.61 45.64 -10.17
CA GLU B 81 16.57 44.71 -10.59
C GLU B 81 17.10 43.29 -10.77
N ASP B 82 18.33 43.02 -10.35
CA ASP B 82 18.92 41.70 -10.46
C ASP B 82 19.03 40.98 -9.12
N PHE B 83 18.40 41.51 -8.08
CA PHE B 83 18.33 40.84 -6.79
C PHE B 83 17.17 39.85 -6.83
N ALA B 84 17.48 38.57 -6.97
CA ALA B 84 16.44 37.55 -7.09
C ALA B 84 17.05 36.19 -6.77
N THR B 85 16.27 35.14 -6.95
CA THR B 85 16.74 33.77 -6.87
C THR B 85 17.05 33.27 -8.28
N TYR B 86 18.09 32.45 -8.39
CA TYR B 86 18.56 31.96 -9.68
C TYR B 86 18.65 30.45 -9.64
N TYR B 87 17.96 29.79 -10.57
CA TYR B 87 17.94 28.35 -10.67
C TYR B 87 18.63 27.90 -11.95
N CYS B 88 19.42 26.83 -11.84
CA CYS B 88 19.90 26.13 -13.03
C CYS B 88 19.06 24.88 -13.24
N GLN B 89 19.00 24.43 -14.49
CA GLN B 89 18.14 23.31 -14.86
C GLN B 89 18.82 22.52 -15.97
N GLN B 90 19.03 21.22 -15.73
CA GLN B 90 19.65 20.37 -16.74
C GLN B 90 18.60 19.90 -17.73
N SER B 91 19.01 19.81 -19.00
CA SER B 91 18.13 19.34 -20.07
C SER B 91 18.71 18.16 -20.81
N TYR B 92 19.79 17.56 -20.31
CA TYR B 92 20.40 16.42 -20.99
C TYR B 92 19.46 15.22 -20.97
N SER B 93 18.95 14.86 -19.80
CA SER B 93 17.92 13.82 -19.69
C SER B 93 16.57 14.48 -19.96
N THR B 94 16.14 14.44 -21.23
CA THR B 94 15.03 15.26 -21.69
C THR B 94 13.70 14.88 -21.05
N LEU B 95 13.56 13.65 -20.57
CA LEU B 95 12.32 13.22 -19.92
C LEU B 95 12.44 13.15 -18.41
N ALA B 96 13.56 13.61 -17.85
CA ALA B 96 13.76 13.69 -16.40
C ALA B 96 14.42 15.03 -16.08
N LEU B 97 13.78 16.12 -16.52
CA LEU B 97 14.33 17.45 -16.33
C LEU B 97 14.30 17.83 -14.85
N THR B 98 15.43 18.29 -14.33
CA THR B 98 15.55 18.65 -12.93
C THR B 98 16.16 20.04 -12.79
N PHE B 99 15.80 20.70 -11.70
CA PHE B 99 16.29 22.03 -11.37
C PHE B 99 17.28 21.96 -10.21
N GLY B 100 18.03 23.05 -10.04
CA GLY B 100 18.88 23.19 -8.86
C GLY B 100 18.09 23.69 -7.67
N GLY B 101 18.74 23.65 -6.51
CA GLY B 101 18.11 24.12 -5.29
C GLY B 101 17.88 25.61 -5.24
N GLY B 102 18.50 26.37 -6.13
CA GLY B 102 18.34 27.81 -6.16
C GLY B 102 19.47 28.54 -5.46
N THR B 103 19.68 29.79 -5.87
CA THR B 103 20.68 30.66 -5.27
C THR B 103 20.07 32.05 -5.14
N LYS B 104 19.96 32.53 -3.90
CA LYS B 104 19.35 33.82 -3.62
C LYS B 104 20.42 34.89 -3.61
N VAL B 105 20.26 35.91 -4.46
CA VAL B 105 21.15 37.06 -4.50
C VAL B 105 20.44 38.18 -3.74
N GLU B 106 20.83 38.37 -2.48
CA GLU B 106 20.23 39.37 -1.61
C GLU B 106 21.11 40.61 -1.52
N ILE B 107 20.58 41.63 -0.85
CA ILE B 107 21.25 42.92 -0.75
C ILE B 107 22.15 42.92 0.47
N LYS B 108 23.41 43.34 0.28
CA LYS B 108 24.39 43.34 1.36
C LYS B 108 24.27 44.61 2.18
N ARG B 109 24.17 44.45 3.50
CA ARG B 109 24.11 45.57 4.43
C ARG B 109 25.00 45.25 5.63
N THR B 110 24.92 46.09 6.66
CA THR B 110 25.65 45.85 7.89
C THR B 110 24.86 44.92 8.80
N VAL B 111 25.52 44.47 9.87
CA VAL B 111 24.89 43.57 10.83
C VAL B 111 23.95 44.36 11.73
N ALA B 112 22.72 43.87 11.87
CA ALA B 112 21.71 44.51 12.69
C ALA B 112 21.16 43.51 13.69
N ALA B 113 21.16 43.88 14.96
CA ALA B 113 20.62 43.00 15.99
C ALA B 113 19.09 43.03 15.96
N PRO B 114 18.43 41.90 16.21
CA PRO B 114 16.97 41.88 16.18
C PRO B 114 16.38 42.49 17.44
N SER B 115 15.26 43.20 17.25
CA SER B 115 14.46 43.69 18.36
C SER B 115 13.44 42.62 18.70
N VAL B 116 13.61 41.97 19.85
CA VAL B 116 12.78 40.83 20.22
C VAL B 116 11.57 41.30 21.00
N PHE B 117 10.39 40.84 20.59
CA PHE B 117 9.14 41.14 21.28
C PHE B 117 8.35 39.85 21.43
N ILE B 118 7.73 39.67 22.59
CA ILE B 118 6.92 38.50 22.88
C ILE B 118 5.52 38.96 23.24
N PHE B 119 4.51 38.24 22.74
CA PHE B 119 3.11 38.58 22.96
C PHE B 119 2.39 37.40 23.59
N PRO B 120 1.80 37.56 24.78
CA PRO B 120 1.00 36.48 25.36
C PRO B 120 -0.31 36.33 24.61
N PRO B 121 -0.99 35.19 24.76
CA PRO B 121 -2.29 35.02 24.09
C PRO B 121 -3.34 35.96 24.66
N SER B 122 -4.26 36.37 23.79
CA SER B 122 -5.29 37.31 24.17
C SER B 122 -6.39 36.64 24.98
N ASP B 123 -7.16 37.46 25.71
CA ASP B 123 -8.29 36.94 26.47
C ASP B 123 -9.37 36.39 25.55
N GLU B 124 -9.58 37.01 24.38
CA GLU B 124 -10.59 36.53 23.44
C GLU B 124 -10.25 35.14 22.92
N GLN B 125 -8.96 34.85 22.73
CA GLN B 125 -8.56 33.56 22.18
C GLN B 125 -8.63 32.46 23.24
N LEU B 126 -8.28 32.77 24.48
CA LEU B 126 -8.27 31.76 25.54
C LEU B 126 -9.64 31.14 25.78
N LYS B 127 -10.71 31.84 25.42
CA LYS B 127 -12.06 31.27 25.54
C LYS B 127 -12.37 30.28 24.43
N SER B 128 -11.49 30.12 23.45
CA SER B 128 -11.70 29.17 22.37
C SER B 128 -11.08 27.80 22.65
N GLY B 129 -10.17 27.71 23.62
CA GLY B 129 -9.55 26.45 23.99
C GLY B 129 -8.09 26.34 23.59
N THR B 130 -7.63 27.18 22.68
CA THR B 130 -6.24 27.17 22.22
C THR B 130 -5.53 28.42 22.69
N ALA B 131 -4.21 28.30 22.87
CA ALA B 131 -3.37 29.41 23.31
C ALA B 131 -2.20 29.55 22.34
N SER B 132 -2.01 30.77 21.82
CA SER B 132 -0.93 31.05 20.88
C SER B 132 -0.01 32.10 21.49
N VAL B 133 1.25 31.74 21.68
CA VAL B 133 2.29 32.68 22.10
C VAL B 133 3.10 33.06 20.87
N VAL B 134 3.30 34.36 20.69
CA VAL B 134 3.97 34.90 19.51
C VAL B 134 5.25 35.59 19.94
N CYS B 135 6.37 35.22 19.31
CA CYS B 135 7.65 35.87 19.52
C CYS B 135 8.07 36.53 18.22
N LEU B 136 8.51 37.78 18.30
CA LEU B 136 8.82 38.58 17.13
C LEU B 136 10.29 38.96 17.12
N LEU B 137 10.94 38.71 16.00
CA LEU B 137 12.31 39.17 15.74
C LEU B 137 12.20 40.24 14.65
N ASN B 138 12.46 41.49 15.01
CA ASN B 138 12.15 42.63 14.15
C ASN B 138 13.43 43.26 13.63
N ASN B 139 13.56 43.30 12.29
CA ASN B 139 14.62 44.04 11.61
C ASN B 139 16.01 43.59 12.04
N PHE B 140 16.49 42.48 11.47
CA PHE B 140 17.82 41.96 11.76
C PHE B 140 18.50 41.55 10.46
N TYR B 141 19.82 41.37 10.54
CA TYR B 141 20.60 40.92 9.40
C TYR B 141 21.87 40.25 9.91
N PRO B 142 22.26 39.09 9.35
CA PRO B 142 21.60 38.40 8.24
C PRO B 142 20.38 37.56 8.64
N ARG B 143 19.91 36.72 7.71
CA ARG B 143 18.69 35.97 7.93
C ARG B 143 18.88 34.84 8.95
N GLU B 144 20.10 34.32 9.08
CA GLU B 144 20.35 33.23 10.03
C GLU B 144 20.05 33.68 11.45
N ALA B 145 19.05 33.05 12.06
CA ALA B 145 18.66 33.38 13.42
C ALA B 145 17.91 32.20 14.02
N LYS B 146 18.23 31.86 15.26
CA LYS B 146 17.62 30.75 15.97
C LYS B 146 16.62 31.25 17.01
N VAL B 147 15.47 30.58 17.08
CA VAL B 147 14.44 30.89 18.07
C VAL B 147 14.19 29.64 18.89
N GLN B 148 14.32 29.77 20.21
CA GLN B 148 14.18 28.64 21.14
C GLN B 148 13.09 28.97 22.14
N TRP B 149 12.06 28.14 22.19
CA TRP B 149 10.95 28.32 23.11
C TRP B 149 11.22 27.55 24.40
N LYS B 150 11.36 28.28 25.50
CA LYS B 150 11.52 27.69 26.82
C LYS B 150 10.22 27.82 27.59
N VAL B 151 9.82 26.74 28.27
CA VAL B 151 8.64 26.73 29.13
C VAL B 151 9.06 26.05 30.43
N ASP B 152 9.18 26.84 31.50
CA ASP B 152 9.73 26.37 32.78
C ASP B 152 11.14 25.84 32.59
N ASN B 153 11.94 26.55 31.79
CA ASN B 153 13.31 26.19 31.45
C ASN B 153 13.39 24.81 30.78
N ALA B 154 12.29 24.34 30.21
CA ALA B 154 12.24 23.09 29.46
C ALA B 154 12.08 23.43 27.98
N LEU B 155 13.01 22.96 27.16
CA LEU B 155 13.02 23.33 25.75
C LEU B 155 11.84 22.71 25.02
N GLN B 156 11.23 23.47 24.12
CA GLN B 156 10.08 23.04 23.35
C GLN B 156 10.50 22.79 21.91
N SER B 157 10.11 21.63 21.37
CA SER B 157 10.39 21.28 19.99
C SER B 157 9.14 20.67 19.37
N GLY B 158 9.06 20.75 18.04
CA GLY B 158 7.89 20.26 17.33
C GLY B 158 6.59 20.89 17.78
N ASN B 159 6.66 22.11 18.32
CA ASN B 159 5.51 22.74 18.95
C ASN B 159 5.25 24.16 18.45
N SER B 160 6.11 24.69 17.59
CA SER B 160 5.99 26.06 17.10
C SER B 160 6.23 26.06 15.60
N GLN B 161 5.86 27.18 14.96
CA GLN B 161 6.06 27.37 13.54
C GLN B 161 6.65 28.76 13.30
N GLU B 162 7.70 28.82 12.50
CA GLU B 162 8.36 30.08 12.19
C GLU B 162 7.85 30.64 10.86
N SER B 163 8.20 31.91 10.62
CA SER B 163 7.85 32.59 9.38
C SER B 163 8.74 33.81 9.24
N VAL B 164 9.41 33.93 8.11
CA VAL B 164 10.36 35.00 7.86
C VAL B 164 9.91 35.80 6.64
N THR B 165 9.95 37.12 6.75
CA THR B 165 9.63 37.98 5.63
C THR B 165 10.74 37.95 4.59
N GLU B 166 10.42 38.43 3.39
CA GLU B 166 11.45 38.67 2.39
C GLU B 166 12.35 39.80 2.86
N GLN B 167 13.54 39.87 2.25
CA GLN B 167 14.47 40.95 2.60
C GLN B 167 13.80 42.29 2.37
N ASP B 168 13.79 43.12 3.40
CA ASP B 168 13.05 44.38 3.36
C ASP B 168 13.47 45.22 2.17
N SER B 169 12.49 45.81 1.50
CA SER B 169 12.72 46.70 0.38
C SER B 169 13.26 48.06 0.80
N LYS B 170 13.62 48.28 2.06
CA LYS B 170 14.05 49.60 2.49
C LYS B 170 15.29 49.56 3.39
N ASP B 171 15.24 48.82 4.50
CA ASP B 171 16.41 48.69 5.35
C ASP B 171 17.19 47.41 5.07
N SER B 172 16.70 46.57 4.16
CA SER B 172 17.35 45.32 3.76
C SER B 172 17.47 44.32 4.90
N THR B 173 16.67 44.46 5.95
CA THR B 173 16.68 43.53 7.06
C THR B 173 15.54 42.52 6.92
N TYR B 174 15.63 41.46 7.71
CA TYR B 174 14.61 40.42 7.77
C TYR B 174 13.83 40.53 9.07
N SER B 175 12.74 39.77 9.14
CA SER B 175 11.90 39.74 10.34
C SER B 175 11.29 38.35 10.46
N LEU B 176 11.16 37.88 11.70
CA LEU B 176 10.70 36.54 11.98
C LEU B 176 9.60 36.57 13.02
N SER B 177 8.61 35.70 12.87
CA SER B 177 7.52 35.55 13.83
C SER B 177 7.32 34.07 14.11
N SER B 178 7.66 33.64 15.32
CA SER B 178 7.44 32.27 15.77
C SER B 178 6.15 32.23 16.58
N THR B 179 5.39 31.15 16.42
CA THR B 179 4.09 31.00 17.08
C THR B 179 4.06 29.66 17.82
N LEU B 180 4.23 29.72 19.14
CA LEU B 180 4.07 28.54 19.98
C LEU B 180 2.57 28.28 20.18
N THR B 181 2.14 27.06 19.88
CA THR B 181 0.73 26.69 19.94
C THR B 181 0.57 25.47 20.83
N LEU B 182 -0.23 25.61 21.89
CA LEU B 182 -0.56 24.49 22.76
C LEU B 182 -1.95 24.73 23.34
N SER B 183 -2.57 23.64 23.79
CA SER B 183 -3.95 23.70 24.25
C SER B 183 -4.05 24.49 25.56
N LYS B 184 -5.30 24.71 25.98
CA LYS B 184 -5.54 25.39 27.26
C LYS B 184 -5.12 24.52 28.44
N ALA B 185 -5.27 23.20 28.32
CA ALA B 185 -4.83 22.31 29.39
C ALA B 185 -3.32 22.35 29.57
N ASP B 186 -2.58 22.40 28.46
CA ASP B 186 -1.13 22.55 28.52
C ASP B 186 -0.70 23.95 28.92
N TYR B 187 -1.64 24.90 29.00
CA TYR B 187 -1.30 26.29 29.26
C TYR B 187 -1.27 26.62 30.75
N GLU B 188 -2.16 26.02 31.54
CA GLU B 188 -2.12 26.21 32.98
C GLU B 188 -1.15 25.26 33.67
N LYS B 189 -0.72 24.20 32.99
CA LYS B 189 0.25 23.27 33.55
C LYS B 189 1.58 23.95 33.87
N HIS B 190 1.87 25.08 33.23
CA HIS B 190 3.12 25.80 33.41
C HIS B 190 2.82 27.27 33.66
N LYS B 191 3.87 28.05 33.93
CA LYS B 191 3.69 29.45 34.28
C LYS B 191 4.59 30.38 33.47
N VAL B 192 5.88 30.06 33.36
CA VAL B 192 6.85 30.93 32.71
C VAL B 192 6.93 30.56 31.23
N TYR B 193 6.84 31.57 30.37
CA TYR B 193 6.92 31.40 28.92
C TYR B 193 7.97 32.36 28.38
N ALA B 194 9.02 31.81 27.77
CA ALA B 194 10.17 32.60 27.33
C ALA B 194 10.44 32.34 25.85
N CYS B 195 11.34 33.15 25.29
CA CYS B 195 11.71 33.05 23.88
C CYS B 195 13.19 33.46 23.77
N GLU B 196 14.06 32.47 23.61
CA GLU B 196 15.50 32.72 23.51
C GLU B 196 15.87 32.92 22.06
N VAL B 197 16.62 33.99 21.78
CA VAL B 197 16.99 34.39 20.43
C VAL B 197 18.50 34.41 20.33
N THR B 198 19.04 33.70 19.33
CA THR B 198 20.45 33.72 19.02
C THR B 198 20.65 34.32 17.64
N HIS B 199 21.57 35.27 17.53
CA HIS B 199 21.84 35.94 16.26
C HIS B 199 23.29 36.38 16.23
N GLN B 200 23.79 36.60 15.00
CA GLN B 200 25.18 37.00 14.82
C GLN B 200 25.46 38.34 15.49
N GLY B 201 24.50 39.26 15.46
CA GLY B 201 24.65 40.57 16.05
C GLY B 201 24.44 40.64 17.54
N LEU B 202 24.30 39.50 18.20
CA LEU B 202 24.10 39.45 19.65
C LEU B 202 25.33 38.83 20.30
N SER B 203 25.99 39.59 21.17
CA SER B 203 27.15 39.07 21.88
C SER B 203 26.78 37.93 22.83
N SER B 204 25.50 37.79 23.16
CA SER B 204 25.01 36.70 23.99
C SER B 204 23.54 36.49 23.65
N PRO B 205 23.04 35.26 23.76
CA PRO B 205 21.63 35.00 23.43
C PRO B 205 20.70 35.84 24.29
N VAL B 206 19.67 36.39 23.65
CA VAL B 206 18.71 37.29 24.30
C VAL B 206 17.41 36.54 24.52
N THR B 207 16.82 36.73 25.70
CA THR B 207 15.58 36.07 26.06
C THR B 207 14.55 37.12 26.48
N LYS B 208 13.33 36.99 25.96
CA LYS B 208 12.20 37.81 26.36
C LYS B 208 11.09 36.88 26.84
N SER B 209 10.61 37.11 28.06
CA SER B 209 9.68 36.20 28.71
C SER B 209 8.55 36.98 29.37
N PHE B 210 7.59 36.24 29.93
CA PHE B 210 6.49 36.83 30.69
C PHE B 210 5.93 35.76 31.60
N ASN B 211 5.29 36.20 32.68
CA ASN B 211 4.63 35.32 33.63
C ASN B 211 3.12 35.36 33.41
N ARG B 212 2.50 34.18 33.43
CA ARG B 212 1.06 34.08 33.22
C ARG B 212 0.29 34.64 34.40
N GLN C 1 -12.22 -4.45 -0.74
CA GLN C 1 -11.69 -5.72 -0.24
C GLN C 1 -12.03 -6.85 -1.20
N VAL C 2 -11.05 -7.73 -1.43
CA VAL C 2 -11.23 -8.86 -2.34
C VAL C 2 -11.88 -10.01 -1.58
N GLN C 3 -12.86 -10.64 -2.21
CA GLN C 3 -13.57 -11.78 -1.63
C GLN C 3 -13.67 -12.89 -2.65
N LEU C 4 -13.38 -14.11 -2.22
CA LEU C 4 -13.46 -15.30 -3.07
C LEU C 4 -14.60 -16.18 -2.61
N GLN C 5 -15.16 -16.95 -3.54
CA GLN C 5 -16.26 -17.84 -3.21
C GLN C 5 -16.24 -19.03 -4.18
N GLU C 6 -15.99 -20.22 -3.65
CA GLU C 6 -16.02 -21.42 -4.48
C GLU C 6 -17.46 -21.77 -4.87
N SER C 7 -17.56 -22.58 -5.91
CA SER C 7 -18.85 -23.09 -6.39
C SER C 7 -18.63 -24.25 -7.34
N GLY C 8 -19.30 -25.37 -7.10
CA GLY C 8 -19.14 -26.53 -7.94
C GLY C 8 -19.85 -27.75 -7.39
N PRO C 9 -19.79 -28.87 -8.12
CA PRO C 9 -20.50 -30.07 -7.69
C PRO C 9 -19.81 -30.71 -6.50
N GLY C 10 -20.61 -31.01 -5.46
CA GLY C 10 -20.10 -31.74 -4.31
C GLY C 10 -20.00 -33.24 -4.48
N LEU C 11 -20.30 -33.74 -5.68
CA LEU C 11 -20.28 -35.17 -5.94
C LEU C 11 -19.77 -35.40 -7.36
N VAL C 12 -18.70 -36.19 -7.48
CA VAL C 12 -18.11 -36.55 -8.76
C VAL C 12 -17.87 -38.05 -8.78
N LYS C 13 -18.31 -38.71 -9.86
CA LYS C 13 -18.09 -40.14 -9.98
C LYS C 13 -16.61 -40.43 -10.21
N PRO C 14 -16.16 -41.64 -9.86
CA PRO C 14 -14.76 -41.99 -10.09
C PRO C 14 -14.39 -41.91 -11.56
N SER C 15 -13.12 -41.56 -11.81
CA SER C 15 -12.50 -41.42 -13.13
C SER C 15 -13.04 -40.24 -13.92
N GLU C 16 -14.02 -39.51 -13.41
CA GLU C 16 -14.53 -38.33 -14.09
C GLU C 16 -13.56 -37.17 -13.88
N THR C 17 -13.99 -35.96 -14.23
CA THR C 17 -13.16 -34.77 -14.08
C THR C 17 -13.83 -33.81 -13.11
N LEU C 18 -13.12 -33.48 -12.04
CA LEU C 18 -13.61 -32.48 -11.09
C LEU C 18 -13.53 -31.09 -11.72
N SER C 19 -14.53 -30.27 -11.45
CA SER C 19 -14.61 -28.92 -12.02
C SER C 19 -15.18 -27.97 -10.99
N LEU C 20 -14.38 -27.02 -10.54
CA LEU C 20 -14.80 -26.01 -9.58
C LEU C 20 -14.55 -24.62 -10.14
N THR C 21 -15.27 -23.64 -9.59
CA THR C 21 -15.17 -22.26 -10.06
C THR C 21 -15.13 -21.32 -8.86
N CYS C 22 -14.18 -20.39 -8.88
CA CYS C 22 -14.01 -19.40 -7.82
C CYS C 22 -14.21 -18.02 -8.43
N THR C 23 -15.15 -17.26 -7.89
CA THR C 23 -15.48 -15.94 -8.41
C THR C 23 -14.84 -14.86 -7.54
N VAL C 24 -14.05 -13.99 -8.16
CA VAL C 24 -13.37 -12.91 -7.46
C VAL C 24 -14.32 -11.72 -7.38
N SER C 25 -14.55 -11.23 -6.17
CA SER C 25 -15.43 -10.09 -5.94
C SER C 25 -14.62 -8.98 -5.27
N GLY C 26 -14.73 -7.77 -5.80
CA GLY C 26 -13.95 -6.68 -5.25
C GLY C 26 -14.39 -5.34 -5.80
N ASP C 27 -13.63 -4.31 -5.43
CA ASP C 27 -13.92 -2.92 -5.80
C ASP C 27 -13.36 -2.64 -7.19
N SER C 28 -14.03 -3.21 -8.20
CA SER C 28 -13.62 -3.10 -9.60
C SER C 28 -12.16 -3.49 -9.79
N ILE C 29 -11.69 -4.46 -9.00
CA ILE C 29 -10.32 -4.92 -9.07
C ILE C 29 -10.21 -5.99 -10.15
N SER C 30 -9.20 -5.87 -11.00
CA SER C 30 -9.03 -6.81 -12.10
C SER C 30 -8.28 -8.05 -11.63
N SER C 31 -8.73 -9.21 -12.09
CA SER C 31 -8.04 -10.46 -11.81
C SER C 31 -6.77 -10.63 -12.62
N SER C 32 -6.53 -9.75 -13.60
CA SER C 32 -5.31 -9.81 -14.40
C SER C 32 -4.08 -9.32 -13.65
N ARG C 33 -4.25 -8.67 -12.50
CA ARG C 33 -3.15 -8.10 -11.74
C ARG C 33 -2.76 -8.96 -10.55
N TYR C 34 -3.36 -10.14 -10.40
CA TYR C 34 -3.05 -11.02 -9.28
C TYR C 34 -2.90 -12.44 -9.81
N TYR C 35 -2.37 -13.31 -8.95
CA TYR C 35 -2.29 -14.73 -9.22
C TYR C 35 -3.36 -15.44 -8.41
N TRP C 36 -3.79 -16.60 -8.90
CA TRP C 36 -4.88 -17.35 -8.27
C TRP C 36 -4.52 -18.82 -8.24
N GLY C 37 -4.91 -19.50 -7.16
CA GLY C 37 -4.54 -20.88 -6.98
C GLY C 37 -5.61 -21.66 -6.24
N TRP C 38 -5.32 -22.95 -6.03
CA TRP C 38 -6.25 -23.86 -5.38
C TRP C 38 -5.51 -24.70 -4.34
N ILE C 39 -6.16 -24.91 -3.21
CA ILE C 39 -5.60 -25.69 -2.10
C ILE C 39 -6.70 -26.61 -1.58
N ARG C 40 -6.38 -27.88 -1.41
CA ARG C 40 -7.34 -28.86 -0.92
C ARG C 40 -6.88 -29.42 0.42
N GLN C 41 -7.82 -30.06 1.10
CA GLN C 41 -7.59 -30.61 2.44
C GLN C 41 -8.46 -31.84 2.60
N PRO C 42 -7.88 -33.03 2.49
CA PRO C 42 -8.66 -34.24 2.74
C PRO C 42 -9.17 -34.26 4.16
N PRO C 43 -10.29 -34.95 4.41
CA PRO C 43 -10.88 -34.95 5.75
C PRO C 43 -9.94 -35.55 6.79
N GLY C 44 -9.59 -34.74 7.79
CA GLY C 44 -8.68 -35.18 8.83
C GLY C 44 -7.23 -35.19 8.45
N LYS C 45 -6.83 -34.45 7.42
CA LYS C 45 -5.46 -34.42 6.95
C LYS C 45 -4.99 -32.97 6.82
N GLY C 46 -3.76 -32.80 6.37
CA GLY C 46 -3.15 -31.49 6.26
C GLY C 46 -3.61 -30.74 5.03
N LEU C 47 -2.81 -29.76 4.63
CA LEU C 47 -3.10 -28.90 3.49
C LEU C 47 -2.16 -29.23 2.34
N GLU C 48 -2.71 -29.38 1.15
CA GLU C 48 -1.92 -29.63 -0.05
C GLU C 48 -2.17 -28.53 -1.07
N TRP C 49 -1.08 -27.91 -1.52
CA TRP C 49 -1.14 -26.88 -2.55
C TRP C 49 -1.30 -27.55 -3.91
N ILE C 50 -2.47 -27.38 -4.53
CA ILE C 50 -2.73 -28.03 -5.81
C ILE C 50 -1.97 -27.33 -6.93
N GLY C 51 -2.10 -26.00 -7.01
CA GLY C 51 -1.41 -25.24 -8.04
C GLY C 51 -1.88 -23.80 -8.10
N THR C 52 -1.08 -22.95 -8.77
CA THR C 52 -1.41 -21.54 -8.91
C THR C 52 -1.25 -21.11 -10.35
N PHE C 53 -2.17 -20.26 -10.81
CA PHE C 53 -2.10 -19.66 -12.13
C PHE C 53 -1.45 -18.29 -12.00
N TYR C 54 -0.35 -18.08 -12.72
CA TYR C 54 0.32 -16.79 -12.70
C TYR C 54 -0.04 -16.00 -13.96
N TYR C 55 0.47 -16.46 -15.11
CA TYR C 55 0.11 -15.91 -16.40
C TYR C 55 -0.26 -17.05 -17.34
N SER C 56 -0.83 -16.70 -18.49
CA SER C 56 -1.18 -17.71 -19.48
C SER C 56 0.08 -18.41 -19.97
N GLY C 57 0.18 -19.71 -19.71
CA GLY C 57 1.36 -20.48 -20.03
C GLY C 57 2.39 -20.56 -18.91
N ILE C 58 2.23 -19.76 -17.86
CA ILE C 58 3.12 -19.83 -16.70
C ILE C 58 2.30 -20.26 -15.48
N THR C 59 2.04 -21.55 -15.38
CA THR C 59 1.24 -22.10 -14.29
C THR C 59 2.07 -23.11 -13.51
N TYR C 60 1.76 -23.24 -12.22
CA TYR C 60 2.36 -24.26 -11.37
C TYR C 60 1.32 -25.31 -11.04
N TYR C 61 1.72 -26.58 -11.14
CA TYR C 61 0.87 -27.70 -10.77
C TYR C 61 1.65 -28.62 -9.86
N ASN C 62 1.03 -29.07 -8.78
CA ASN C 62 1.67 -29.99 -7.85
C ASN C 62 2.12 -31.24 -8.60
N PRO C 63 3.42 -31.53 -8.66
CA PRO C 63 3.87 -32.68 -9.44
C PRO C 63 3.32 -34.01 -8.93
N SER C 64 2.99 -34.10 -7.64
CA SER C 64 2.32 -35.30 -7.13
C SER C 64 0.93 -35.47 -7.72
N LEU C 65 0.36 -34.43 -8.33
CA LEU C 65 -0.90 -34.53 -9.03
C LEU C 65 -0.72 -34.70 -10.53
N LYS C 66 0.47 -35.13 -10.97
CA LYS C 66 0.73 -35.54 -12.34
C LYS C 66 0.26 -34.51 -13.36
N SER C 67 -0.39 -34.98 -14.43
CA SER C 67 -0.83 -34.14 -15.52
C SER C 67 -2.34 -33.92 -15.52
N ARG C 68 -3.01 -34.22 -14.41
CA ARG C 68 -4.45 -34.17 -14.33
C ARG C 68 -4.97 -32.88 -13.70
N VAL C 69 -4.14 -31.83 -13.65
CA VAL C 69 -4.55 -30.55 -13.08
C VAL C 69 -4.49 -29.49 -14.18
N THR C 70 -5.54 -28.68 -14.26
CA THR C 70 -5.58 -27.54 -15.18
C THR C 70 -6.32 -26.41 -14.50
N ILE C 71 -5.74 -25.20 -14.58
CA ILE C 71 -6.33 -24.01 -13.98
C ILE C 71 -6.40 -22.93 -15.05
N PHE C 72 -7.58 -22.32 -15.20
CA PHE C 72 -7.79 -21.25 -16.18
C PHE C 72 -8.38 -20.04 -15.48
N VAL C 73 -7.96 -18.85 -15.92
CA VAL C 73 -8.42 -17.59 -15.35
C VAL C 73 -9.13 -16.80 -16.44
N ASP C 74 -10.37 -16.39 -16.15
CA ASP C 74 -11.16 -15.56 -17.06
C ASP C 74 -11.11 -14.13 -16.54
N THR C 75 -10.30 -13.29 -17.19
CA THR C 75 -10.08 -11.94 -16.70
C THR C 75 -11.22 -10.97 -17.03
N SER C 76 -12.11 -11.33 -17.95
CA SER C 76 -13.27 -10.48 -18.25
C SER C 76 -14.46 -10.80 -17.37
N LYS C 77 -14.47 -11.97 -16.73
CA LYS C 77 -15.55 -12.36 -15.83
C LYS C 77 -15.10 -12.36 -14.37
N ASN C 78 -13.81 -12.19 -14.10
CA ASN C 78 -13.25 -12.19 -12.75
C ASN C 78 -13.61 -13.49 -12.01
N GLN C 79 -13.14 -14.59 -12.59
CA GLN C 79 -13.31 -15.91 -11.98
C GLN C 79 -12.33 -16.88 -12.62
N PHE C 80 -11.90 -17.87 -11.83
CA PHE C 80 -10.98 -18.89 -12.30
C PHE C 80 -11.50 -20.27 -11.93
N SER C 81 -10.96 -21.29 -12.59
CA SER C 81 -11.47 -22.64 -12.51
C SER C 81 -10.37 -23.63 -12.17
N LEU C 82 -10.78 -24.80 -11.70
CA LEU C 82 -9.89 -25.91 -11.40
C LEU C 82 -10.43 -27.17 -12.04
N LYS C 83 -9.61 -27.84 -12.84
CA LYS C 83 -9.98 -29.09 -13.50
C LYS C 83 -9.08 -30.20 -12.99
N LEU C 84 -9.68 -31.26 -12.45
CA LEU C 84 -8.95 -32.41 -11.94
C LEU C 84 -9.55 -33.67 -12.54
N SER C 85 -8.81 -34.31 -13.45
CA SER C 85 -9.29 -35.48 -14.17
C SER C 85 -8.83 -36.77 -13.50
N SER C 86 -9.56 -37.85 -13.79
CA SER C 86 -9.25 -39.18 -13.28
C SER C 86 -9.24 -39.21 -11.75
N VAL C 87 -10.38 -38.81 -11.18
CA VAL C 87 -10.50 -38.69 -9.74
C VAL C 87 -10.75 -40.07 -9.11
N THR C 88 -10.22 -40.26 -7.91
CA THR C 88 -10.43 -41.46 -7.12
C THR C 88 -10.88 -41.05 -5.72
N ALA C 89 -11.05 -42.04 -4.84
CA ALA C 89 -11.38 -41.76 -3.45
C ALA C 89 -10.30 -40.96 -2.75
N ALA C 90 -9.06 -40.99 -3.26
CA ALA C 90 -7.98 -40.17 -2.72
C ALA C 90 -8.13 -38.70 -3.05
N ASP C 91 -9.14 -38.32 -3.85
CA ASP C 91 -9.38 -36.94 -4.21
C ASP C 91 -10.55 -36.32 -3.47
N THR C 92 -11.25 -37.10 -2.64
CA THR C 92 -12.32 -36.56 -1.80
C THR C 92 -11.72 -35.61 -0.76
N ALA C 93 -12.03 -34.32 -0.89
CA ALA C 93 -11.43 -33.32 -0.01
C ALA C 93 -12.25 -32.04 -0.09
N VAL C 94 -11.96 -31.14 0.85
CA VAL C 94 -12.48 -29.77 0.81
C VAL C 94 -11.50 -28.92 0.01
N TYR C 95 -11.99 -28.26 -1.03
CA TYR C 95 -11.15 -27.50 -1.95
C TYR C 95 -11.32 -26.01 -1.70
N TYR C 96 -10.20 -25.32 -1.51
CA TYR C 96 -10.18 -23.88 -1.31
C TYR C 96 -9.54 -23.20 -2.52
N CYS C 97 -10.12 -22.07 -2.92
CA CYS C 97 -9.47 -21.18 -3.87
C CYS C 97 -8.82 -20.06 -3.09
N ALA C 98 -7.52 -19.88 -3.28
CA ALA C 98 -6.75 -18.91 -2.52
C ALA C 98 -6.01 -17.99 -3.48
N ARG C 99 -5.70 -16.80 -2.98
CA ARG C 99 -4.92 -15.83 -3.74
C ARG C 99 -3.55 -15.69 -3.11
N PRO C 100 -2.48 -16.04 -3.82
CA PRO C 100 -1.14 -15.79 -3.29
C PRO C 100 -0.92 -14.30 -3.08
N ARG C 101 -0.45 -13.95 -1.89
CA ARG C 101 -0.18 -12.55 -1.58
C ARG C 101 0.88 -12.00 -2.53
N PRO C 102 0.62 -10.85 -3.16
CA PRO C 102 1.63 -10.26 -4.05
C PRO C 102 2.91 -9.96 -3.31
N PRO C 103 4.06 -10.27 -3.91
CA PRO C 103 5.34 -10.07 -3.22
C PRO C 103 5.70 -8.59 -3.16
N ASP C 104 6.51 -8.27 -2.15
CA ASP C 104 7.04 -6.92 -2.02
C ASP C 104 8.13 -6.68 -3.06
N TYR C 105 8.61 -5.43 -3.12
CA TYR C 105 9.51 -5.02 -4.19
C TYR C 105 10.77 -5.88 -4.24
N TYR C 106 11.34 -6.21 -3.08
CA TYR C 106 12.61 -6.91 -3.02
C TYR C 106 12.47 -8.39 -2.69
N ASP C 107 11.26 -8.94 -2.75
CA ASP C 107 11.08 -10.36 -2.42
C ASP C 107 11.72 -11.25 -3.46
N ASN C 108 12.40 -12.29 -2.99
CA ASN C 108 13.18 -13.19 -3.82
C ASN C 108 12.62 -14.61 -3.82
N SER C 109 11.47 -14.84 -3.20
CA SER C 109 10.99 -16.19 -2.91
C SER C 109 10.71 -16.97 -4.18
N GLY C 110 10.74 -18.30 -4.05
CA GLY C 110 10.46 -19.19 -5.16
C GLY C 110 8.99 -19.49 -5.29
N ALA C 111 8.31 -19.63 -4.15
CA ALA C 111 6.86 -19.76 -4.14
C ALA C 111 6.26 -18.59 -3.37
N LEU C 112 5.00 -18.72 -2.97
CA LEU C 112 4.33 -17.66 -2.22
C LEU C 112 3.39 -18.27 -1.19
N LEU C 113 2.91 -17.41 -0.30
CA LEU C 113 1.87 -17.74 0.66
C LEU C 113 0.54 -17.18 0.18
N PHE C 114 -0.54 -17.64 0.80
CA PHE C 114 -1.89 -17.30 0.38
C PHE C 114 -2.55 -16.46 1.47
N ASP C 115 -2.85 -15.20 1.16
CA ASP C 115 -3.39 -14.28 2.13
C ASP C 115 -4.92 -14.17 2.08
N ILE C 116 -5.54 -14.43 0.94
CA ILE C 116 -6.98 -14.35 0.79
C ILE C 116 -7.49 -15.72 0.34
N TRP C 117 -8.52 -16.22 1.01
CA TRP C 117 -9.05 -17.55 0.76
C TRP C 117 -10.54 -17.48 0.48
N GLY C 118 -11.05 -18.54 -0.14
CA GLY C 118 -12.48 -18.74 -0.25
C GLY C 118 -13.02 -19.41 0.99
N GLN C 119 -14.27 -19.87 0.89
CA GLN C 119 -14.92 -20.55 1.99
C GLN C 119 -14.78 -22.06 1.94
N GLY C 120 -14.30 -22.62 0.83
CA GLY C 120 -14.12 -24.05 0.72
C GLY C 120 -15.38 -24.78 0.30
N THR C 121 -15.23 -25.74 -0.61
CA THR C 121 -16.34 -26.57 -1.06
C THR C 121 -15.94 -28.03 -0.98
N MET C 122 -16.86 -28.85 -0.47
CA MET C 122 -16.59 -30.26 -0.20
C MET C 122 -16.99 -31.09 -1.41
N VAL C 123 -16.00 -31.70 -2.06
CA VAL C 123 -16.22 -32.57 -3.21
C VAL C 123 -15.98 -34.00 -2.76
N THR C 124 -16.95 -34.88 -3.02
CA THR C 124 -16.85 -36.29 -2.68
C THR C 124 -16.79 -37.11 -3.98
N VAL C 125 -15.74 -37.90 -4.13
CA VAL C 125 -15.60 -38.79 -5.28
C VAL C 125 -16.20 -40.13 -4.90
N SER C 126 -17.36 -40.45 -5.47
CA SER C 126 -18.06 -41.67 -5.10
C SER C 126 -18.95 -42.10 -6.26
N SER C 127 -19.30 -43.39 -6.26
CA SER C 127 -20.19 -43.95 -7.27
C SER C 127 -21.66 -43.82 -6.92
N ALA C 128 -21.98 -43.60 -5.64
CA ALA C 128 -23.35 -43.57 -5.18
C ALA C 128 -24.07 -42.33 -5.73
N SER C 129 -25.40 -42.36 -5.65
CA SER C 129 -26.23 -41.26 -6.10
C SER C 129 -26.51 -40.29 -4.96
N THR C 130 -26.93 -39.09 -5.32
CA THR C 130 -27.29 -38.08 -4.33
C THR C 130 -28.63 -38.43 -3.70
N LYS C 131 -28.78 -38.08 -2.42
CA LYS C 131 -30.02 -38.32 -1.69
C LYS C 131 -30.30 -37.17 -0.76
N GLY C 132 -31.50 -36.60 -0.86
CA GLY C 132 -31.95 -35.57 0.04
C GLY C 132 -32.21 -36.13 1.42
N PRO C 133 -32.04 -35.30 2.44
CA PRO C 133 -32.18 -35.77 3.82
C PRO C 133 -33.62 -35.71 4.32
N SER C 134 -33.91 -36.61 5.26
CA SER C 134 -35.17 -36.59 5.99
C SER C 134 -34.95 -35.88 7.32
N VAL C 135 -35.75 -34.86 7.58
CA VAL C 135 -35.60 -34.02 8.77
C VAL C 135 -36.67 -34.40 9.77
N PHE C 136 -36.25 -34.89 10.93
CA PHE C 136 -37.17 -35.29 11.98
C PHE C 136 -37.00 -34.40 13.21
N PRO C 137 -38.09 -34.08 13.90
CA PRO C 137 -37.99 -33.19 15.06
C PRO C 137 -37.60 -33.94 16.34
N LEU C 138 -36.76 -33.30 17.13
CA LEU C 138 -36.39 -33.78 18.47
C LEU C 138 -37.16 -32.93 19.46
N ALA C 139 -38.36 -33.38 19.79
CA ALA C 139 -39.28 -32.56 20.58
C ALA C 139 -38.78 -32.41 22.02
N PRO C 140 -38.95 -31.24 22.62
CA PRO C 140 -38.62 -31.09 24.04
C PRO C 140 -39.70 -31.68 24.92
N SER C 141 -39.28 -32.22 26.06
CA SER C 141 -40.19 -32.87 26.99
C SER C 141 -39.61 -32.78 28.40
N SER C 142 -40.21 -33.52 29.34
CA SER C 142 -39.72 -33.51 30.71
C SER C 142 -38.37 -34.21 30.82
N LYS C 143 -38.11 -35.21 29.98
CA LYS C 143 -36.82 -35.88 30.01
C LYS C 143 -35.71 -35.02 29.43
N SER C 144 -36.04 -34.13 28.48
CA SER C 144 -35.09 -33.20 27.90
C SER C 144 -35.20 -31.82 28.53
N THR C 145 -35.34 -31.75 29.85
CA THR C 145 -35.46 -30.50 30.58
C THR C 145 -34.56 -30.55 31.81
N SER C 146 -33.72 -29.53 31.98
CA SER C 146 -32.84 -29.40 33.14
C SER C 146 -33.15 -28.05 33.80
N GLY C 147 -33.96 -28.08 34.85
CA GLY C 147 -34.31 -26.84 35.52
C GLY C 147 -35.25 -26.02 34.66
N GLY C 148 -34.89 -24.75 34.46
CA GLY C 148 -35.67 -23.82 33.67
C GLY C 148 -35.36 -23.78 32.20
N THR C 149 -34.39 -24.58 31.74
CA THR C 149 -34.02 -24.63 30.33
C THR C 149 -34.39 -25.99 29.75
N ALA C 150 -34.76 -25.98 28.47
CA ALA C 150 -35.17 -27.19 27.77
C ALA C 150 -34.44 -27.28 26.44
N ALA C 151 -34.24 -28.50 25.96
CA ALA C 151 -33.50 -28.77 24.74
C ALA C 151 -34.41 -29.31 23.66
N LEU C 152 -34.23 -28.81 22.44
CA LEU C 152 -34.96 -29.28 21.27
C LEU C 152 -34.03 -29.22 20.06
N GLY C 153 -34.37 -29.99 19.04
CA GLY C 153 -33.50 -30.02 17.88
C GLY C 153 -34.10 -30.77 16.72
N CYS C 154 -33.28 -30.94 15.68
CA CYS C 154 -33.67 -31.61 14.45
C CYS C 154 -32.67 -32.69 14.10
N LEU C 155 -33.17 -33.85 13.69
CA LEU C 155 -32.35 -34.98 13.27
C LEU C 155 -32.32 -35.01 11.74
N VAL C 156 -31.16 -34.69 11.18
CA VAL C 156 -30.94 -34.71 9.73
C VAL C 156 -30.34 -36.06 9.39
N LYS C 157 -31.15 -36.94 8.83
CA LYS C 157 -30.79 -38.36 8.70
C LYS C 157 -30.84 -38.79 7.23
N ASP C 158 -29.92 -39.68 6.87
CA ASP C 158 -29.92 -40.36 5.58
C ASP C 158 -29.79 -39.39 4.41
N TYR C 159 -28.59 -38.85 4.21
CA TYR C 159 -28.30 -38.00 3.07
C TYR C 159 -26.91 -38.31 2.55
N PHE C 160 -26.66 -37.94 1.29
CA PHE C 160 -25.37 -38.18 0.66
C PHE C 160 -25.26 -37.28 -0.55
N PRO C 161 -24.11 -36.62 -0.78
CA PRO C 161 -22.96 -36.67 0.13
C PRO C 161 -22.95 -35.51 1.11
N GLU C 162 -21.80 -35.28 1.74
CA GLU C 162 -21.62 -34.10 2.57
C GLU C 162 -21.63 -32.84 1.69
N PRO C 163 -21.99 -31.68 2.25
CA PRO C 163 -22.48 -31.47 3.61
C PRO C 163 -23.93 -30.99 3.65
N VAL C 164 -24.41 -30.69 4.86
CA VAL C 164 -25.68 -30.01 5.07
C VAL C 164 -25.45 -28.86 6.04
N THR C 165 -26.22 -27.80 5.87
CA THR C 165 -26.15 -26.62 6.72
C THR C 165 -27.46 -26.47 7.47
N VAL C 166 -27.37 -26.25 8.78
CA VAL C 166 -28.54 -26.13 9.64
C VAL C 166 -28.53 -24.75 10.29
N SER C 167 -29.63 -24.03 10.17
CA SER C 167 -29.82 -22.76 10.84
C SER C 167 -31.17 -22.77 11.55
N TRP C 168 -31.27 -21.99 12.62
CA TRP C 168 -32.48 -21.94 13.45
C TRP C 168 -33.12 -20.57 13.33
N ASN C 169 -34.43 -20.57 13.03
CA ASN C 169 -35.21 -19.35 12.86
C ASN C 169 -34.53 -18.41 11.86
N SER C 170 -34.13 -18.98 10.72
CA SER C 170 -33.55 -18.23 9.60
C SER C 170 -32.31 -17.45 10.04
N GLY C 171 -31.53 -18.03 10.95
CA GLY C 171 -30.33 -17.39 11.45
C GLY C 171 -30.53 -16.44 12.60
N ALA C 172 -31.78 -16.20 13.02
CA ALA C 172 -32.03 -15.30 14.12
C ALA C 172 -31.71 -15.94 15.47
N LEU C 173 -31.56 -17.26 15.52
CA LEU C 173 -31.28 -18.00 16.74
C LEU C 173 -29.94 -18.70 16.58
N THR C 174 -28.92 -18.18 17.27
CA THR C 174 -27.58 -18.71 17.17
C THR C 174 -26.96 -19.12 18.50
N SER C 175 -27.30 -18.44 19.59
CA SER C 175 -26.72 -18.77 20.88
C SER C 175 -27.27 -20.08 21.41
N GLY C 176 -26.39 -20.89 22.00
CA GLY C 176 -26.79 -22.17 22.53
C GLY C 176 -27.07 -23.24 21.50
N VAL C 177 -26.70 -23.00 20.24
CA VAL C 177 -26.93 -23.96 19.16
C VAL C 177 -25.68 -24.81 18.98
N HIS C 178 -25.87 -26.12 18.81
CA HIS C 178 -24.79 -27.05 18.56
C HIS C 178 -25.19 -27.94 17.39
N THR C 179 -24.47 -27.83 16.28
CA THR C 179 -24.66 -28.68 15.12
C THR C 179 -23.53 -29.70 15.08
N PHE C 180 -23.83 -30.93 15.45
CA PHE C 180 -22.80 -31.95 15.56
C PHE C 180 -22.35 -32.40 14.17
N PRO C 181 -21.08 -32.79 14.03
CA PRO C 181 -20.63 -33.37 12.76
C PRO C 181 -21.40 -34.65 12.43
N ALA C 182 -21.48 -34.95 11.13
CA ALA C 182 -22.25 -36.09 10.67
C ALA C 182 -21.46 -37.39 10.85
N VAL C 183 -22.19 -38.46 11.13
CA VAL C 183 -21.62 -39.80 11.24
C VAL C 183 -22.04 -40.60 10.01
N LEU C 184 -21.12 -41.42 9.52
CA LEU C 184 -21.38 -42.25 8.35
C LEU C 184 -22.02 -43.56 8.82
N GLN C 185 -23.28 -43.75 8.49
CA GLN C 185 -23.99 -44.95 8.92
C GLN C 185 -23.55 -46.15 8.11
N SER C 186 -23.89 -47.35 8.63
CA SER C 186 -23.56 -48.58 7.94
C SER C 186 -24.23 -48.68 6.58
N SER C 187 -25.35 -47.99 6.40
CA SER C 187 -26.03 -47.95 5.10
C SER C 187 -25.29 -47.12 4.07
N GLY C 188 -24.18 -46.47 4.43
CA GLY C 188 -23.47 -45.61 3.52
C GLY C 188 -24.01 -44.21 3.42
N LEU C 189 -24.96 -43.83 4.27
CA LEU C 189 -25.55 -42.50 4.28
C LEU C 189 -25.15 -41.76 5.55
N TYR C 190 -25.02 -40.44 5.41
CA TYR C 190 -24.66 -39.61 6.55
C TYR C 190 -25.90 -39.28 7.39
N SER C 191 -25.65 -38.82 8.60
CA SER C 191 -26.73 -38.46 9.53
C SER C 191 -26.14 -37.62 10.65
N LEU C 192 -26.68 -36.41 10.85
CA LEU C 192 -26.26 -35.56 11.96
C LEU C 192 -27.49 -35.09 12.72
N SER C 193 -27.22 -34.35 13.80
CA SER C 193 -28.26 -33.73 14.60
C SER C 193 -27.82 -32.33 14.96
N SER C 194 -28.80 -31.45 15.19
CA SER C 194 -28.55 -30.07 15.60
C SER C 194 -29.49 -29.74 16.74
N VAL C 195 -28.96 -29.15 17.81
CA VAL C 195 -29.72 -28.89 19.02
C VAL C 195 -29.57 -27.43 19.44
N VAL C 196 -30.52 -26.98 20.24
CA VAL C 196 -30.49 -25.64 20.83
C VAL C 196 -31.21 -25.70 22.16
N THR C 197 -30.67 -24.99 23.15
CA THR C 197 -31.25 -24.92 24.48
C THR C 197 -32.01 -23.61 24.65
N VAL C 198 -33.27 -23.72 25.07
CA VAL C 198 -34.14 -22.55 25.21
C VAL C 198 -34.75 -22.56 26.60
N PRO C 199 -35.22 -21.41 27.08
CA PRO C 199 -35.92 -21.39 28.38
C PRO C 199 -37.23 -22.15 28.31
N SER C 200 -37.57 -22.82 29.41
CA SER C 200 -38.77 -23.66 29.43
C SER C 200 -40.04 -22.83 29.23
N SER C 201 -40.05 -21.60 29.75
CA SER C 201 -41.24 -20.75 29.67
C SER C 201 -41.51 -20.23 28.28
N SER C 202 -40.66 -20.54 27.29
CA SER C 202 -40.84 -20.06 25.92
C SER C 202 -41.28 -21.16 24.96
N LEU C 203 -41.53 -22.37 25.46
CA LEU C 203 -41.80 -23.50 24.55
C LEU C 203 -43.15 -23.36 23.88
N GLY C 204 -44.18 -22.95 24.61
CA GLY C 204 -45.50 -22.81 24.02
C GLY C 204 -45.74 -21.51 23.28
N THR C 205 -44.89 -20.51 23.48
CA THR C 205 -45.08 -19.18 22.90
C THR C 205 -44.18 -18.88 21.72
N GLN C 206 -42.98 -19.44 21.68
CA GLN C 206 -42.01 -19.17 20.63
C GLN C 206 -41.97 -20.35 19.65
N THR C 207 -42.05 -20.05 18.36
CA THR C 207 -41.94 -21.07 17.32
C THR C 207 -40.48 -21.26 16.96
N TYR C 208 -40.06 -22.51 16.85
CA TYR C 208 -38.67 -22.86 16.52
C TYR C 208 -38.65 -23.68 15.26
N ILE C 209 -37.97 -23.18 14.22
CA ILE C 209 -37.85 -23.85 12.94
C ILE C 209 -36.38 -24.03 12.64
N CYS C 210 -35.99 -25.25 12.28
CA CYS C 210 -34.65 -25.54 11.80
C CYS C 210 -34.65 -25.54 10.28
N ASN C 211 -33.64 -24.92 9.69
CA ASN C 211 -33.54 -24.76 8.25
C ASN C 211 -32.38 -25.60 7.75
N VAL C 212 -32.70 -26.75 7.16
CA VAL C 212 -31.70 -27.68 6.63
C VAL C 212 -31.58 -27.47 5.14
N ASN C 213 -30.35 -27.28 4.65
CA ASN C 213 -30.08 -27.04 3.25
C ASN C 213 -29.05 -28.04 2.76
N HIS C 214 -29.44 -28.91 1.83
CA HIS C 214 -28.55 -29.90 1.23
C HIS C 214 -28.35 -29.50 -0.23
N LYS C 215 -27.31 -28.70 -0.48
CA LYS C 215 -27.04 -28.22 -1.83
C LYS C 215 -26.88 -29.32 -2.87
N PRO C 216 -26.15 -30.42 -2.63
CA PRO C 216 -25.99 -31.43 -3.69
C PRO C 216 -27.30 -31.99 -4.23
N SER C 217 -28.40 -31.87 -3.50
CA SER C 217 -29.70 -32.35 -3.98
C SER C 217 -30.71 -31.23 -4.14
N ASN C 218 -30.30 -29.97 -3.98
CA ASN C 218 -31.19 -28.81 -4.05
C ASN C 218 -32.39 -29.00 -3.15
N THR C 219 -32.12 -29.39 -1.90
CA THR C 219 -33.15 -29.73 -0.93
C THR C 219 -33.07 -28.76 0.24
N LYS C 220 -34.14 -27.99 0.43
CA LYS C 220 -34.30 -27.10 1.57
C LYS C 220 -35.52 -27.52 2.35
N VAL C 221 -35.37 -27.74 3.66
CA VAL C 221 -36.46 -28.14 4.53
C VAL C 221 -36.49 -27.20 5.73
N ASP C 222 -37.67 -26.67 6.03
CA ASP C 222 -37.90 -25.86 7.22
C ASP C 222 -38.86 -26.62 8.12
N LYS C 223 -38.34 -27.17 9.21
CA LYS C 223 -39.10 -28.06 10.09
C LYS C 223 -39.39 -27.35 11.40
N LYS C 224 -40.66 -27.19 11.71
CA LYS C 224 -41.06 -26.60 12.99
C LYS C 224 -41.02 -27.67 14.07
N VAL C 225 -40.41 -27.34 15.20
CA VAL C 225 -40.25 -28.25 16.33
C VAL C 225 -41.12 -27.75 17.47
N GLU C 226 -42.04 -28.59 17.93
CA GLU C 226 -42.98 -28.27 18.99
C GLU C 226 -42.89 -29.31 20.08
N PRO C 227 -43.24 -28.97 21.32
CA PRO C 227 -43.31 -29.98 22.38
C PRO C 227 -44.40 -31.00 22.08
N LYS C 228 -44.06 -32.28 22.22
CA LYS C 228 -44.99 -33.34 21.87
C LYS C 228 -46.16 -33.41 22.84
N ALA D 1 11.76 -31.14 -3.02
CA ALA D 1 10.69 -31.03 -2.05
C ALA D 1 11.24 -30.93 -0.63
N ILE D 2 10.93 -29.83 0.05
CA ILE D 2 11.36 -29.59 1.42
C ILE D 2 10.22 -29.97 2.35
N ARG D 3 10.53 -30.77 3.37
CA ARG D 3 9.52 -31.23 4.33
C ARG D 3 9.59 -30.41 5.60
N MET D 4 8.43 -29.97 6.08
CA MET D 4 8.31 -29.17 7.29
C MET D 4 7.78 -30.03 8.42
N THR D 5 8.35 -29.83 9.62
CA THR D 5 8.00 -30.65 10.78
C THR D 5 7.58 -29.73 11.93
N GLN D 6 6.30 -29.77 12.28
CA GLN D 6 5.79 -29.04 13.42
C GLN D 6 5.87 -29.90 14.68
N SER D 7 6.10 -29.24 15.82
CA SER D 7 6.15 -29.93 17.09
C SER D 7 5.72 -28.95 18.17
N PRO D 8 4.81 -29.35 19.07
CA PRO D 8 4.18 -30.68 19.09
C PRO D 8 3.02 -30.79 18.11
N SER D 9 2.46 -31.99 17.98
CA SER D 9 1.28 -32.15 17.13
C SER D 9 0.03 -31.62 17.80
N THR D 10 -0.12 -31.86 19.10
CA THR D 10 -1.23 -31.35 19.88
C THR D 10 -0.70 -30.76 21.19
N LEU D 11 -1.43 -29.79 21.72
CA LEU D 11 -1.07 -29.19 23.01
C LEU D 11 -2.32 -28.61 23.65
N SER D 12 -2.25 -28.44 24.97
CA SER D 12 -3.35 -27.89 25.75
C SER D 12 -2.80 -26.87 26.74
N ALA D 13 -3.30 -25.64 26.66
CA ALA D 13 -2.80 -24.56 27.51
C ALA D 13 -3.97 -23.80 28.12
N SER D 14 -3.73 -23.27 29.32
CA SER D 14 -4.74 -22.48 30.01
C SER D 14 -4.87 -21.10 29.39
N VAL D 15 -5.94 -20.40 29.75
CA VAL D 15 -6.16 -19.04 29.26
C VAL D 15 -5.12 -18.11 29.86
N GLY D 16 -4.44 -17.34 29.01
CA GLY D 16 -3.42 -16.42 29.45
C GLY D 16 -2.01 -16.97 29.41
N ASP D 17 -1.83 -18.24 29.08
CA ASP D 17 -0.50 -18.82 29.01
C ASP D 17 0.27 -18.27 27.81
N ARG D 18 1.52 -18.70 27.69
CA ARG D 18 2.39 -18.31 26.58
C ARG D 18 2.67 -19.56 25.77
N VAL D 19 2.01 -19.70 24.63
CA VAL D 19 2.11 -20.89 23.79
C VAL D 19 3.24 -20.70 22.78
N THR D 20 4.01 -21.76 22.57
CA THR D 20 5.12 -21.77 21.62
C THR D 20 4.97 -22.97 20.70
N ILE D 21 5.04 -22.75 19.40
CA ILE D 21 4.97 -23.80 18.40
C ILE D 21 6.23 -23.72 17.53
N ALA D 22 6.90 -24.85 17.36
CA ALA D 22 8.14 -24.93 16.60
C ALA D 22 7.89 -25.58 15.25
N CYS D 23 8.53 -25.03 14.21
CA CYS D 23 8.44 -25.54 12.85
C CYS D 23 9.85 -25.75 12.33
N ARG D 24 10.15 -26.96 11.87
CA ARG D 24 11.49 -27.34 11.46
C ARG D 24 11.49 -27.69 9.98
N ALA D 25 12.47 -27.17 9.25
CA ALA D 25 12.62 -27.42 7.82
C ALA D 25 13.81 -28.35 7.59
N SER D 26 13.64 -29.29 6.66
CA SER D 26 14.72 -30.24 6.35
C SER D 26 15.96 -29.56 5.81
N GLN D 27 15.81 -28.36 5.23
CA GLN D 27 16.94 -27.56 4.79
C GLN D 27 16.58 -26.09 4.95
N SER D 28 17.60 -25.23 4.82
CA SER D 28 17.40 -23.80 5.06
C SER D 28 16.46 -23.21 4.03
N ILE D 29 15.45 -22.49 4.51
CA ILE D 29 14.48 -21.82 3.64
C ILE D 29 14.62 -20.31 3.84
N SER D 30 15.81 -19.88 4.27
CA SER D 30 16.09 -18.47 4.58
C SER D 30 15.08 -17.95 5.59
N ALA D 31 14.14 -17.11 5.14
CA ALA D 31 13.09 -16.58 6.00
C ALA D 31 11.72 -16.67 5.36
N TRP D 32 11.58 -17.39 4.24
CA TRP D 32 10.32 -17.48 3.52
C TRP D 32 9.44 -18.55 4.15
N LEU D 33 8.91 -18.22 5.33
CA LEU D 33 7.98 -19.07 6.05
C LEU D 33 6.74 -18.27 6.43
N ALA D 34 5.58 -18.91 6.37
CA ALA D 34 4.32 -18.30 6.74
C ALA D 34 3.62 -19.15 7.79
N TRP D 35 2.81 -18.49 8.62
CA TRP D 35 2.01 -19.15 9.64
C TRP D 35 0.54 -18.93 9.37
N TYR D 36 -0.25 -20.00 9.53
CA TYR D 36 -1.68 -19.96 9.28
C TYR D 36 -2.44 -20.41 10.53
N GLN D 37 -3.63 -19.84 10.72
CA GLN D 37 -4.56 -20.25 11.75
C GLN D 37 -5.83 -20.74 11.09
N GLN D 38 -6.22 -21.97 11.39
CA GLN D 38 -7.43 -22.56 10.82
C GLN D 38 -8.35 -23.00 11.96
N LYS D 39 -9.47 -22.33 12.09
CA LYS D 39 -10.52 -22.69 13.02
C LYS D 39 -11.47 -23.71 12.37
N PRO D 40 -12.12 -24.54 13.17
CA PRO D 40 -12.94 -25.62 12.60
C PRO D 40 -14.03 -25.08 11.68
N GLY D 41 -14.16 -25.72 10.51
CA GLY D 41 -15.15 -25.29 9.54
C GLY D 41 -14.83 -23.99 8.85
N LYS D 42 -13.59 -23.52 8.93
CA LYS D 42 -13.17 -22.27 8.32
C LYS D 42 -11.96 -22.51 7.44
N ALA D 43 -11.74 -21.61 6.50
CA ALA D 43 -10.52 -21.63 5.72
C ALA D 43 -9.34 -21.17 6.58
N PRO D 44 -8.13 -21.58 6.25
CA PRO D 44 -6.97 -21.08 6.99
C PRO D 44 -6.84 -19.56 6.87
N LYS D 45 -6.34 -18.95 7.94
CA LYS D 45 -6.17 -17.51 8.02
C LYS D 45 -4.69 -17.21 8.17
N LEU D 46 -4.16 -16.35 7.30
CA LEU D 46 -2.75 -16.02 7.32
C LEU D 46 -2.44 -15.11 8.49
N LEU D 47 -1.50 -15.52 9.34
CA LEU D 47 -1.08 -14.74 10.51
C LEU D 47 0.25 -14.03 10.27
N ILE D 48 1.30 -14.81 9.98
CA ILE D 48 2.65 -14.29 9.85
C ILE D 48 3.14 -14.56 8.43
N TYR D 49 3.94 -13.64 7.91
CA TYR D 49 4.69 -13.86 6.68
C TYR D 49 6.12 -13.37 6.88
N LYS D 50 7.03 -13.93 6.09
CA LYS D 50 8.47 -13.70 6.24
C LYS D 50 8.92 -14.03 7.66
N ALA D 51 8.40 -15.13 8.20
CA ALA D 51 8.76 -15.67 9.51
C ALA D 51 8.34 -14.77 10.67
N SER D 52 8.35 -13.46 10.47
CA SER D 52 8.10 -12.54 11.58
C SER D 52 7.17 -11.37 11.26
N SER D 53 6.90 -11.05 10.01
CA SER D 53 6.04 -9.92 9.68
C SER D 53 4.58 -10.30 9.94
N LEU D 54 3.88 -9.46 10.69
CA LEU D 54 2.50 -9.71 11.07
C LEU D 54 1.54 -9.19 10.02
N GLU D 55 0.49 -9.96 9.75
CA GLU D 55 -0.51 -9.58 8.77
C GLU D 55 -1.45 -8.52 9.34
N SER D 56 -1.98 -7.70 8.44
CA SER D 56 -2.92 -6.66 8.85
C SER D 56 -4.20 -7.28 9.37
N GLY D 57 -4.63 -6.86 10.55
CA GLY D 57 -5.83 -7.39 11.17
C GLY D 57 -5.64 -8.53 12.12
N VAL D 58 -4.39 -8.88 12.44
CA VAL D 58 -4.08 -9.95 13.37
C VAL D 58 -3.64 -9.32 14.69
N PRO D 59 -4.13 -9.80 15.84
CA PRO D 59 -3.75 -9.19 17.12
C PRO D 59 -2.24 -9.21 17.32
N SER D 60 -1.76 -8.22 18.10
CA SER D 60 -0.33 -8.08 18.34
C SER D 60 0.22 -9.21 19.21
N ARG D 61 -0.64 -9.96 19.90
CA ARG D 61 -0.16 -11.03 20.76
C ARG D 61 0.45 -12.17 19.96
N PHE D 62 0.12 -12.30 18.68
CA PHE D 62 0.79 -13.26 17.82
C PHE D 62 2.13 -12.70 17.36
N SER D 63 3.15 -13.56 17.35
CA SER D 63 4.46 -13.16 16.91
C SER D 63 5.21 -14.39 16.39
N GLY D 64 6.11 -14.15 15.44
CA GLY D 64 6.92 -15.20 14.89
C GLY D 64 8.37 -14.79 14.80
N SER D 65 9.24 -15.79 14.77
CA SER D 65 10.68 -15.56 14.65
C SER D 65 11.32 -16.80 14.05
N GLY D 66 12.60 -16.68 13.72
CA GLY D 66 13.33 -17.81 13.17
C GLY D 66 13.98 -17.52 11.84
N SER D 67 14.99 -18.32 11.50
CA SER D 67 15.66 -18.21 10.21
C SER D 67 16.44 -19.50 9.97
N GLY D 68 16.56 -19.87 8.70
CA GLY D 68 17.26 -21.08 8.34
C GLY D 68 16.39 -22.31 8.38
N THR D 69 16.53 -23.11 9.44
CA THR D 69 15.86 -24.40 9.53
C THR D 69 14.84 -24.51 10.64
N GLU D 70 14.96 -23.72 11.72
CA GLU D 70 14.04 -23.80 12.84
C GLU D 70 13.36 -22.45 13.05
N PHE D 71 12.04 -22.47 13.18
CA PHE D 71 11.24 -21.28 13.38
C PHE D 71 10.30 -21.49 14.57
N THR D 72 9.73 -20.38 15.05
CA THR D 72 8.90 -20.42 16.25
C THR D 72 7.73 -19.46 16.12
N LEU D 73 6.53 -19.95 16.35
CA LEU D 73 5.34 -19.12 16.52
C LEU D 73 5.04 -18.97 18.00
N THR D 74 4.71 -17.75 18.42
CA THR D 74 4.42 -17.46 19.81
C THR D 74 3.03 -16.84 19.92
N ILE D 75 2.25 -17.33 20.88
CA ILE D 75 0.91 -16.79 21.15
C ILE D 75 0.93 -16.30 22.60
N ASN D 76 1.12 -15.00 22.78
CA ASN D 76 1.08 -14.42 24.12
C ASN D 76 -0.35 -14.24 24.58
N SER D 77 -0.59 -14.46 25.87
CA SER D 77 -1.91 -14.32 26.45
C SER D 77 -2.96 -15.10 25.66
N LEU D 78 -2.99 -16.43 25.82
CA LEU D 78 -3.91 -17.24 25.03
C LEU D 78 -5.36 -16.90 25.35
N GLN D 79 -6.17 -16.72 24.31
CA GLN D 79 -7.59 -16.45 24.45
C GLN D 79 -8.42 -17.68 24.06
N PRO D 80 -9.61 -17.84 24.64
CA PRO D 80 -10.46 -18.97 24.25
C PRO D 80 -10.80 -18.99 22.77
N ASP D 81 -10.81 -17.83 22.11
CA ASP D 81 -11.06 -17.77 20.68
C ASP D 81 -9.89 -18.32 19.87
N ASP D 82 -8.71 -18.42 20.46
CA ASP D 82 -7.52 -18.87 19.76
C ASP D 82 -7.48 -20.38 19.55
N PHE D 83 -8.51 -21.11 19.97
CA PHE D 83 -8.60 -22.54 19.71
C PHE D 83 -8.64 -22.80 18.22
N ALA D 84 -7.60 -23.41 17.67
CA ALA D 84 -7.51 -23.66 16.23
C ALA D 84 -6.34 -24.62 15.99
N THR D 85 -6.16 -24.98 14.72
CA THR D 85 -5.00 -25.75 14.27
C THR D 85 -4.11 -24.82 13.46
N TYR D 86 -2.82 -24.79 13.79
CA TYR D 86 -1.89 -23.83 13.22
C TYR D 86 -0.90 -24.55 12.30
N TYR D 87 -0.71 -24.01 11.10
CA TYR D 87 0.16 -24.58 10.10
C TYR D 87 1.28 -23.60 9.75
N CYS D 88 2.47 -24.14 9.52
CA CYS D 88 3.57 -23.37 8.93
C CYS D 88 3.76 -23.82 7.49
N GLN D 89 4.14 -22.87 6.63
CA GLN D 89 4.27 -23.14 5.20
C GLN D 89 5.56 -22.52 4.68
N GLN D 90 6.42 -23.34 4.10
CA GLN D 90 7.60 -22.84 3.41
C GLN D 90 7.25 -22.45 1.99
N TYR D 91 7.83 -21.34 1.52
CA TYR D 91 7.63 -20.90 0.15
C TYR D 91 8.94 -20.41 -0.45
N ILE D 92 10.02 -21.16 -0.20
CA ILE D 92 11.30 -20.87 -0.86
C ILE D 92 11.34 -21.43 -2.27
N SER D 93 10.53 -22.44 -2.57
CA SER D 93 10.48 -23.03 -3.90
C SER D 93 9.16 -23.75 -4.09
N SER D 94 8.55 -23.58 -5.26
CA SER D 94 7.31 -24.26 -5.60
C SER D 94 7.61 -25.75 -5.71
N SER D 95 7.23 -26.51 -4.69
CA SER D 95 7.53 -27.93 -4.61
C SER D 95 6.41 -28.61 -3.83
N PRO D 96 6.30 -29.93 -3.93
CA PRO D 96 5.31 -30.64 -3.11
C PRO D 96 5.69 -30.61 -1.63
N TRP D 97 4.70 -30.96 -0.80
CA TRP D 97 4.85 -30.96 0.67
C TRP D 97 5.30 -29.59 1.17
N THR D 98 4.43 -28.61 0.97
CA THR D 98 4.72 -27.23 1.32
C THR D 98 4.24 -26.82 2.70
N PHE D 99 3.16 -27.40 3.20
CA PHE D 99 2.65 -27.11 4.53
C PHE D 99 3.20 -28.12 5.54
N GLY D 100 3.22 -27.71 6.80
CA GLY D 100 3.52 -28.61 7.89
C GLY D 100 2.32 -29.49 8.23
N GLN D 101 2.52 -30.37 9.21
CA GLN D 101 1.44 -31.29 9.59
C GLN D 101 0.39 -30.62 10.46
N GLY D 102 0.69 -29.48 11.05
CA GLY D 102 -0.29 -28.75 11.83
C GLY D 102 -0.20 -29.04 13.32
N THR D 103 -0.47 -28.02 14.12
CA THR D 103 -0.48 -28.12 15.58
C THR D 103 -1.84 -27.68 16.10
N LYS D 104 -2.54 -28.59 16.76
CA LYS D 104 -3.88 -28.32 17.26
C LYS D 104 -3.78 -27.82 18.69
N VAL D 105 -4.18 -26.58 18.92
CA VAL D 105 -4.11 -25.94 20.23
C VAL D 105 -5.46 -26.06 20.92
N GLU D 106 -5.49 -26.76 22.04
CA GLU D 106 -6.69 -26.92 22.84
C GLU D 106 -6.64 -25.99 24.04
N ILE D 107 -7.80 -25.50 24.45
CA ILE D 107 -7.91 -24.56 25.57
C ILE D 107 -8.20 -25.34 26.84
N LYS D 108 -7.43 -25.07 27.89
CA LYS D 108 -7.60 -25.73 29.18
C LYS D 108 -8.50 -24.85 30.06
N ARG D 109 -9.52 -25.47 30.66
CA ARG D 109 -10.47 -24.74 31.48
C ARG D 109 -10.88 -25.59 32.67
N THR D 110 -11.71 -25.02 33.54
CA THR D 110 -12.20 -25.73 34.71
C THR D 110 -13.17 -26.83 34.29
N VAL D 111 -13.29 -27.83 35.17
CA VAL D 111 -14.16 -28.97 34.88
C VAL D 111 -15.61 -28.53 34.91
N ALA D 112 -16.40 -29.04 33.95
CA ALA D 112 -17.82 -28.73 33.87
C ALA D 112 -18.59 -29.99 33.53
N ALA D 113 -19.60 -30.31 34.33
CA ALA D 113 -20.41 -31.49 34.12
C ALA D 113 -21.42 -31.26 32.99
N PRO D 114 -21.73 -32.29 32.22
CA PRO D 114 -22.66 -32.12 31.10
C PRO D 114 -24.11 -32.14 31.52
N SER D 115 -24.92 -31.38 30.78
CA SER D 115 -26.38 -31.42 30.93
C SER D 115 -26.92 -32.49 29.98
N VAL D 116 -27.51 -33.54 30.54
CA VAL D 116 -27.89 -34.73 29.78
C VAL D 116 -29.36 -34.63 29.39
N PHE D 117 -29.65 -34.94 28.13
CA PHE D 117 -31.00 -34.95 27.60
C PHE D 117 -31.17 -36.17 26.70
N ILE D 118 -32.38 -36.73 26.69
CA ILE D 118 -32.70 -37.87 25.84
C ILE D 118 -33.92 -37.53 25.01
N PHE D 119 -33.95 -38.03 23.78
CA PHE D 119 -35.04 -37.74 22.83
C PHE D 119 -35.59 -39.04 22.27
N PRO D 120 -36.86 -39.34 22.45
CA PRO D 120 -37.46 -40.51 21.78
C PRO D 120 -37.57 -40.27 20.30
N PRO D 121 -37.77 -41.31 19.50
CA PRO D 121 -37.98 -41.12 18.07
C PRO D 121 -39.31 -40.41 17.80
N SER D 122 -39.31 -39.59 16.75
CA SER D 122 -40.49 -38.81 16.41
C SER D 122 -41.56 -39.69 15.75
N ASP D 123 -42.79 -39.19 15.77
CA ASP D 123 -43.88 -39.89 15.11
C ASP D 123 -43.64 -39.98 13.60
N GLU D 124 -43.04 -38.94 13.02
CA GLU D 124 -42.76 -38.95 11.59
C GLU D 124 -41.72 -40.00 11.23
N GLN D 125 -40.72 -40.20 12.09
CA GLN D 125 -39.73 -41.23 11.83
C GLN D 125 -40.29 -42.62 12.13
N LEU D 126 -41.12 -42.75 13.16
CA LEU D 126 -41.72 -44.04 13.47
C LEU D 126 -42.67 -44.47 12.35
N LYS D 127 -43.24 -43.53 11.62
CA LYS D 127 -44.08 -43.83 10.48
C LYS D 127 -43.29 -43.92 9.18
N SER D 128 -41.97 -44.08 9.29
CA SER D 128 -41.10 -44.37 8.15
C SER D 128 -40.42 -45.72 8.27
N GLY D 129 -40.61 -46.44 9.39
CA GLY D 129 -40.05 -47.75 9.59
C GLY D 129 -38.83 -47.81 10.48
N THR D 130 -38.23 -46.66 10.81
CA THR D 130 -37.01 -46.63 11.61
C THR D 130 -37.26 -45.87 12.91
N ALA D 131 -36.40 -46.14 13.89
CA ALA D 131 -36.49 -45.51 15.20
C ALA D 131 -35.08 -45.11 15.64
N SER D 132 -34.88 -43.82 15.87
CA SER D 132 -33.60 -43.29 16.34
C SER D 132 -33.81 -42.58 17.66
N VAL D 133 -33.11 -43.03 18.69
CA VAL D 133 -33.14 -42.40 20.01
C VAL D 133 -31.85 -41.61 20.19
N VAL D 134 -31.98 -40.36 20.60
CA VAL D 134 -30.85 -39.43 20.67
C VAL D 134 -30.61 -39.05 22.14
N CYS D 135 -29.37 -39.15 22.57
CA CYS D 135 -28.93 -38.71 23.88
C CYS D 135 -27.99 -37.53 23.72
N LEU D 136 -28.18 -36.48 24.53
CA LEU D 136 -27.44 -35.24 24.38
C LEU D 136 -26.58 -34.98 25.61
N LEU D 137 -25.32 -34.65 25.38
CA LEU D 137 -24.40 -34.18 26.41
C LEU D 137 -23.99 -32.77 26.02
N ASN D 138 -24.47 -31.78 26.76
CA ASN D 138 -24.33 -30.39 26.38
C ASN D 138 -23.38 -29.66 27.31
N ASN D 139 -22.41 -28.94 26.72
CA ASN D 139 -21.52 -28.05 27.45
C ASN D 139 -20.80 -28.73 28.59
N PHE D 140 -19.70 -29.42 28.29
CA PHE D 140 -18.92 -30.10 29.31
C PHE D 140 -17.45 -30.05 28.97
N TYR D 141 -16.61 -30.32 29.97
CA TYR D 141 -15.18 -30.37 29.82
C TYR D 141 -14.63 -31.26 30.94
N PRO D 142 -13.64 -32.12 30.66
CA PRO D 142 -12.92 -32.27 29.40
C PRO D 142 -13.67 -33.06 28.32
N ARG D 143 -12.97 -33.34 27.22
CA ARG D 143 -13.59 -33.98 26.06
C ARG D 143 -14.01 -35.42 26.35
N GLU D 144 -13.29 -36.10 27.25
CA GLU D 144 -13.55 -37.51 27.50
C GLU D 144 -14.90 -37.71 28.18
N ALA D 145 -15.73 -38.57 27.60
CA ALA D 145 -17.04 -38.89 28.15
C ALA D 145 -17.43 -40.29 27.71
N LYS D 146 -18.27 -40.94 28.51
CA LYS D 146 -18.69 -42.31 28.27
C LYS D 146 -20.21 -42.39 28.29
N VAL D 147 -20.78 -42.99 27.25
CA VAL D 147 -22.23 -43.12 27.10
C VAL D 147 -22.56 -44.59 26.92
N GLN D 148 -23.51 -45.08 27.71
CA GLN D 148 -23.97 -46.47 27.64
C GLN D 148 -25.47 -46.48 27.40
N TRP D 149 -25.89 -47.18 26.35
CA TRP D 149 -27.31 -47.33 26.02
C TRP D 149 -27.85 -48.58 26.68
N LYS D 150 -28.83 -48.40 27.58
CA LYS D 150 -29.52 -49.51 28.23
C LYS D 150 -30.95 -49.56 27.73
N VAL D 151 -31.38 -50.73 27.26
CA VAL D 151 -32.73 -50.95 26.78
C VAL D 151 -33.34 -52.04 27.63
N ASP D 152 -34.31 -51.67 28.46
CA ASP D 152 -34.89 -52.57 29.47
C ASP D 152 -33.79 -53.15 30.36
N ASN D 153 -32.85 -52.29 30.77
CA ASN D 153 -31.70 -52.61 31.59
C ASN D 153 -30.71 -53.55 30.91
N ALA D 154 -30.90 -53.83 29.62
CA ALA D 154 -29.98 -54.66 28.85
C ALA D 154 -29.02 -53.75 28.10
N LEU D 155 -27.73 -53.88 28.40
CA LEU D 155 -26.73 -53.02 27.79
C LEU D 155 -26.64 -53.28 26.29
N GLN D 156 -26.54 -52.20 25.51
CA GLN D 156 -26.50 -52.27 24.06
C GLN D 156 -25.12 -51.89 23.55
N SER D 157 -24.74 -52.49 22.43
CA SER D 157 -23.46 -52.20 21.78
C SER D 157 -23.55 -52.57 20.32
N GLY D 158 -23.03 -51.69 19.46
CA GLY D 158 -23.02 -51.93 18.03
C GLY D 158 -24.21 -51.37 17.27
N ASN D 159 -25.10 -50.63 17.93
CA ASN D 159 -26.27 -50.07 17.29
C ASN D 159 -26.39 -48.57 17.55
N SER D 160 -25.26 -47.90 17.78
CA SER D 160 -25.26 -46.48 18.08
C SER D 160 -23.97 -45.86 17.59
N GLN D 161 -24.01 -44.55 17.38
CA GLN D 161 -22.85 -43.77 16.95
C GLN D 161 -22.81 -42.48 17.74
N GLU D 162 -21.61 -41.92 17.88
CA GLU D 162 -21.40 -40.70 18.65
C GLU D 162 -20.79 -39.62 17.76
N SER D 163 -20.96 -38.37 18.20
CA SER D 163 -20.45 -37.22 17.48
C SER D 163 -20.21 -36.10 18.48
N VAL D 164 -18.99 -35.57 18.52
CA VAL D 164 -18.59 -34.55 19.47
C VAL D 164 -18.29 -33.26 18.73
N THR D 165 -18.88 -32.16 19.18
CA THR D 165 -18.59 -30.84 18.62
C THR D 165 -17.15 -30.45 18.93
N GLU D 166 -16.62 -29.55 18.09
CA GLU D 166 -15.34 -28.94 18.40
C GLU D 166 -15.47 -28.06 19.64
N GLN D 167 -14.33 -27.73 20.22
CA GLN D 167 -14.33 -26.93 21.44
C GLN D 167 -14.94 -25.55 21.17
N ASP D 168 -15.90 -25.16 21.99
CA ASP D 168 -16.58 -23.89 21.80
C ASP D 168 -15.59 -22.74 21.93
N SER D 169 -15.77 -21.72 21.09
CA SER D 169 -14.86 -20.59 21.05
C SER D 169 -15.13 -19.56 22.15
N LYS D 170 -16.16 -19.77 22.98
CA LYS D 170 -16.52 -18.82 24.04
C LYS D 170 -16.29 -19.40 25.42
N ASP D 171 -16.92 -20.51 25.77
CA ASP D 171 -16.75 -21.14 27.07
C ASP D 171 -15.85 -22.37 27.03
N SER D 172 -15.35 -22.74 25.86
CA SER D 172 -14.34 -23.80 25.72
C SER D 172 -14.86 -25.15 26.22
N THR D 173 -16.12 -25.44 25.97
CA THR D 173 -16.73 -26.70 26.35
C THR D 173 -16.94 -27.58 25.12
N TYR D 174 -17.34 -28.82 25.38
CA TYR D 174 -17.67 -29.77 24.33
C TYR D 174 -19.13 -30.19 24.45
N SER D 175 -19.65 -30.76 23.37
CA SER D 175 -21.00 -31.29 23.34
C SER D 175 -21.00 -32.60 22.57
N LEU D 176 -21.86 -33.52 22.99
CA LEU D 176 -21.87 -34.87 22.45
C LEU D 176 -23.30 -35.32 22.20
N SER D 177 -23.50 -36.02 21.09
CA SER D 177 -24.81 -36.57 20.73
C SER D 177 -24.63 -38.02 20.33
N SER D 178 -25.35 -38.91 21.01
CA SER D 178 -25.32 -40.34 20.73
C SER D 178 -26.67 -40.76 20.17
N THR D 179 -26.66 -41.40 19.00
CA THR D 179 -27.88 -41.79 18.31
C THR D 179 -28.00 -43.31 18.32
N LEU D 180 -28.98 -43.82 19.06
CA LEU D 180 -29.30 -45.24 19.07
C LEU D 180 -30.34 -45.51 17.99
N THR D 181 -29.95 -46.23 16.94
CA THR D 181 -30.82 -46.49 15.81
C THR D 181 -31.34 -47.92 15.87
N LEU D 182 -32.66 -48.06 15.80
CA LEU D 182 -33.32 -49.36 15.80
C LEU D 182 -34.40 -49.39 14.72
N SER D 183 -34.80 -50.59 14.35
CA SER D 183 -35.97 -50.76 13.51
C SER D 183 -37.23 -50.50 14.34
N LYS D 184 -38.28 -50.01 13.68
CA LYS D 184 -39.53 -49.73 14.38
C LYS D 184 -40.05 -50.97 15.08
N ALA D 185 -39.88 -52.15 14.47
CA ALA D 185 -40.30 -53.39 15.10
C ALA D 185 -39.53 -53.65 16.38
N ASP D 186 -38.19 -53.62 16.30
CA ASP D 186 -37.38 -53.84 17.49
C ASP D 186 -37.59 -52.75 18.53
N TYR D 187 -37.90 -51.52 18.09
CA TYR D 187 -38.26 -50.48 19.04
C TYR D 187 -39.58 -50.79 19.73
N GLU D 188 -40.53 -51.36 19.00
CA GLU D 188 -41.84 -51.70 19.54
C GLU D 188 -41.80 -52.92 20.46
N LYS D 189 -40.63 -53.54 20.64
CA LYS D 189 -40.50 -54.72 21.48
C LYS D 189 -40.06 -54.42 22.90
N HIS D 190 -39.56 -53.22 23.17
CA HIS D 190 -39.05 -52.87 24.48
C HIS D 190 -39.72 -51.60 24.98
N LYS D 191 -39.68 -51.40 26.30
CA LYS D 191 -40.39 -50.31 26.95
C LYS D 191 -39.47 -49.20 27.42
N VAL D 192 -38.42 -49.52 28.17
CA VAL D 192 -37.59 -48.53 28.83
C VAL D 192 -36.31 -48.32 28.03
N TYR D 193 -36.02 -47.07 27.69
CA TYR D 193 -34.81 -46.69 26.98
C TYR D 193 -34.07 -45.64 27.80
N ALA D 194 -32.75 -45.81 27.92
CA ALA D 194 -31.97 -44.91 28.78
C ALA D 194 -30.53 -44.87 28.31
N CYS D 195 -29.91 -43.70 28.46
CA CYS D 195 -28.47 -43.53 28.29
C CYS D 195 -27.86 -43.15 29.63
N GLU D 196 -26.78 -43.84 30.00
CA GLU D 196 -26.06 -43.58 31.24
C GLU D 196 -24.76 -42.85 30.93
N VAL D 197 -24.54 -41.73 31.61
CA VAL D 197 -23.43 -40.84 31.33
C VAL D 197 -22.49 -40.84 32.53
N THR D 198 -21.20 -41.02 32.27
CA THR D 198 -20.16 -40.86 33.28
C THR D 198 -19.17 -39.81 32.80
N HIS D 199 -18.72 -38.97 33.72
CA HIS D 199 -17.83 -37.86 33.39
C HIS D 199 -17.07 -37.44 34.63
N GLN D 200 -15.97 -36.72 34.43
CA GLN D 200 -15.16 -36.26 35.55
C GLN D 200 -15.95 -35.35 36.48
N GLY D 201 -16.90 -34.60 35.94
CA GLY D 201 -17.69 -33.68 36.73
C GLY D 201 -18.89 -34.28 37.42
N LEU D 202 -19.18 -35.56 37.20
CA LEU D 202 -20.31 -36.24 37.81
C LEU D 202 -19.79 -37.16 38.91
N SER D 203 -20.13 -36.86 40.16
CA SER D 203 -19.74 -37.73 41.26
C SER D 203 -20.45 -39.08 41.19
N SER D 204 -21.57 -39.16 40.47
CA SER D 204 -22.30 -40.39 40.22
C SER D 204 -22.86 -40.35 38.81
N PRO D 205 -22.96 -41.50 38.14
CA PRO D 205 -23.45 -41.50 36.76
C PRO D 205 -24.90 -41.02 36.67
N VAL D 206 -25.18 -40.22 35.65
CA VAL D 206 -26.51 -39.69 35.39
C VAL D 206 -27.19 -40.59 34.37
N THR D 207 -28.49 -40.82 34.55
CA THR D 207 -29.26 -41.68 33.66
C THR D 207 -30.58 -41.00 33.35
N LYS D 208 -30.72 -40.50 32.12
CA LYS D 208 -32.01 -40.04 31.62
C LYS D 208 -32.71 -41.20 30.92
N SER D 209 -34.03 -41.28 31.11
CA SER D 209 -34.78 -42.42 30.60
C SER D 209 -36.20 -42.00 30.26
N PHE D 210 -36.79 -42.72 29.30
CA PHE D 210 -38.20 -42.59 28.98
C PHE D 210 -38.78 -43.98 28.78
N ASN D 211 -40.11 -44.05 28.82
CA ASN D 211 -40.84 -45.28 28.57
C ASN D 211 -41.66 -45.11 27.29
N ARG D 212 -41.54 -46.07 26.38
CA ARG D 212 -42.32 -46.03 25.15
C ARG D 212 -43.81 -46.06 25.46
N GLY D 213 -44.50 -44.98 25.14
CA GLY D 213 -45.92 -44.82 25.42
C GLY D 213 -46.21 -43.70 26.42
N GLU D 214 -45.27 -43.43 27.32
CA GLU D 214 -45.45 -42.37 28.31
C GLU D 214 -44.65 -41.13 27.94
N THR E 7 5.95 -0.72 -48.77
CA THR E 7 6.14 0.22 -47.66
C THR E 7 7.54 0.10 -47.09
N ASN E 8 8.23 1.23 -47.01
CA ASN E 8 9.62 1.23 -46.54
C ASN E 8 9.71 1.79 -45.11
N LEU E 9 9.00 1.17 -44.18
CA LEU E 9 9.08 1.56 -42.78
C LEU E 9 10.18 0.78 -42.07
N CYS E 10 10.79 1.42 -41.09
CA CYS E 10 11.86 0.78 -40.35
C CYS E 10 11.33 -0.39 -39.54
N PRO E 11 12.03 -1.53 -39.51
CA PRO E 11 11.53 -2.73 -38.83
C PRO E 11 11.67 -2.66 -37.31
N PHE E 12 11.06 -1.64 -36.71
CA PHE E 12 11.05 -1.53 -35.26
C PHE E 12 10.25 -2.63 -34.59
N GLY E 13 9.41 -3.34 -35.36
CA GLY E 13 8.69 -4.47 -34.80
C GLY E 13 9.58 -5.66 -34.52
N GLU E 14 10.60 -5.88 -35.34
CA GLU E 14 11.48 -7.03 -35.15
C GLU E 14 12.27 -6.95 -33.86
N VAL E 15 12.36 -5.78 -33.22
CA VAL E 15 13.15 -5.61 -32.01
C VAL E 15 12.25 -5.60 -30.79
N PHE E 16 11.27 -4.69 -30.78
CA PHE E 16 10.38 -4.58 -29.62
C PHE E 16 9.48 -5.80 -29.47
N ASN E 17 9.12 -6.43 -30.58
CA ASN E 17 8.19 -7.56 -30.58
C ASN E 17 8.88 -8.91 -30.70
N ALA E 18 10.21 -8.96 -30.54
CA ALA E 18 10.93 -10.21 -30.67
C ALA E 18 10.41 -11.23 -29.66
N THR E 19 10.24 -12.47 -30.13
CA THR E 19 9.76 -13.53 -29.25
C THR E 19 10.79 -13.87 -28.18
N ARG E 20 12.07 -13.86 -28.54
CA ARG E 20 13.16 -14.13 -27.60
C ARG E 20 14.07 -12.91 -27.51
N PHE E 21 14.51 -12.59 -26.30
CA PHE E 21 15.43 -11.51 -26.06
C PHE E 21 16.78 -12.07 -25.60
N ALA E 22 17.83 -11.28 -25.78
CA ALA E 22 19.17 -11.73 -25.46
C ALA E 22 19.50 -11.48 -23.99
N SER E 23 20.42 -12.27 -23.47
CA SER E 23 20.97 -11.99 -22.15
C SER E 23 21.78 -10.70 -22.19
N VAL E 24 21.85 -10.02 -21.04
CA VAL E 24 22.41 -8.67 -21.02
C VAL E 24 23.91 -8.70 -21.34
N TYR E 25 24.62 -9.74 -20.91
CA TYR E 25 26.06 -9.79 -21.18
C TYR E 25 26.33 -9.94 -22.67
N ALA E 26 25.50 -10.72 -23.37
CA ALA E 26 25.60 -10.85 -24.81
C ALA E 26 24.45 -10.10 -25.48
N TRP E 27 24.32 -8.82 -25.16
CA TRP E 27 23.20 -8.02 -25.64
C TRP E 27 23.18 -7.97 -27.17
N ASN E 28 21.97 -8.02 -27.72
CA ASN E 28 21.79 -8.00 -29.17
C ASN E 28 21.81 -6.56 -29.69
N ARG E 29 22.30 -6.41 -30.91
CA ARG E 29 22.28 -5.12 -31.61
C ARG E 29 21.74 -5.30 -33.00
N LYS E 30 20.78 -4.46 -33.39
CA LYS E 30 20.22 -4.45 -34.72
C LYS E 30 20.38 -3.06 -35.33
N ARG E 31 21.06 -2.98 -36.46
CA ARG E 31 21.21 -1.72 -37.18
C ARG E 31 19.97 -1.47 -38.04
N ILE E 32 19.42 -0.26 -37.93
CA ILE E 32 18.24 0.13 -38.68
C ILE E 32 18.57 1.39 -39.45
N SER E 33 18.72 1.25 -40.77
CA SER E 33 19.08 2.36 -41.63
C SER E 33 18.34 2.23 -42.96
N ASN E 34 18.37 3.31 -43.73
CA ASN E 34 17.76 3.38 -45.06
C ASN E 34 16.29 2.98 -45.01
N CYS E 35 15.54 3.70 -44.18
CA CYS E 35 14.11 3.46 -44.01
C CYS E 35 13.48 4.67 -43.38
N VAL E 36 12.17 4.77 -43.50
CA VAL E 36 11.40 5.85 -42.90
C VAL E 36 10.85 5.35 -41.57
N ALA E 37 11.26 5.99 -40.48
CA ALA E 37 10.89 5.56 -39.14
C ALA E 37 9.69 6.36 -38.65
N ASP E 38 8.65 5.64 -38.23
CA ASP E 38 7.46 6.24 -37.64
C ASP E 38 7.62 6.13 -36.13
N TYR E 39 8.21 7.17 -35.52
CA TYR E 39 8.49 7.14 -34.10
C TYR E 39 7.28 7.49 -33.26
N SER E 40 6.36 8.32 -33.80
CA SER E 40 5.20 8.75 -33.01
C SER E 40 4.37 7.56 -32.56
N VAL E 41 4.13 6.60 -33.45
CA VAL E 41 3.36 5.41 -33.08
C VAL E 41 4.17 4.43 -32.23
N LEU E 42 5.51 4.47 -32.34
CA LEU E 42 6.33 3.52 -31.61
C LEU E 42 6.11 3.61 -30.10
N TYR E 43 6.18 4.82 -29.55
CA TYR E 43 5.90 5.01 -28.13
C TYR E 43 4.42 4.84 -27.80
N ASN E 44 3.52 5.02 -28.79
CA ASN E 44 2.09 5.10 -28.51
C ASN E 44 1.56 3.89 -27.76
N SER E 45 2.15 2.71 -28.00
CA SER E 45 1.70 1.50 -27.34
C SER E 45 1.85 1.64 -25.82
N ALA E 46 0.78 2.08 -25.15
CA ALA E 46 0.79 2.32 -23.72
C ALA E 46 1.16 1.08 -22.94
N SER E 47 2.45 0.91 -22.64
CA SER E 47 2.92 -0.24 -21.88
C SER E 47 4.27 0.06 -21.25
N PHE E 48 5.12 0.78 -21.96
CA PHE E 48 6.50 1.05 -21.55
C PHE E 48 6.57 1.67 -20.16
N SER E 49 7.09 0.92 -19.19
CA SER E 49 7.24 1.43 -17.83
C SER E 49 8.40 2.39 -17.69
N THR E 50 9.37 2.35 -18.61
CA THR E 50 10.52 3.24 -18.58
C THR E 50 10.75 3.80 -19.98
N PHE E 51 10.79 5.13 -20.08
CA PHE E 51 11.03 5.79 -21.36
C PHE E 51 11.80 7.08 -21.03
N LYS E 52 13.11 7.05 -21.26
CA LYS E 52 13.98 8.18 -21.00
C LYS E 52 14.92 8.41 -22.17
N CYS E 53 14.97 9.65 -22.66
CA CYS E 53 15.85 10.02 -23.75
C CYS E 53 16.90 11.01 -23.24
N TYR E 54 18.04 11.02 -23.92
CA TYR E 54 19.19 11.81 -23.50
C TYR E 54 19.76 12.53 -24.71
N GLY E 55 19.77 13.86 -24.66
CA GLY E 55 20.25 14.66 -25.76
C GLY E 55 19.27 14.86 -26.89
N VAL E 56 18.12 14.19 -26.86
CA VAL E 56 17.09 14.32 -27.89
C VAL E 56 15.72 14.31 -27.24
N SER E 57 14.79 15.03 -27.85
CA SER E 57 13.40 15.03 -27.39
C SER E 57 12.61 14.01 -28.18
N PRO E 58 11.83 13.15 -27.51
CA PRO E 58 11.14 12.07 -28.25
C PRO E 58 10.13 12.59 -29.25
N THR E 59 9.37 13.62 -28.89
CA THR E 59 8.36 14.16 -29.81
C THR E 59 9.00 14.68 -31.08
N LYS E 60 10.15 15.33 -30.97
CA LYS E 60 10.82 15.97 -32.10
C LYS E 60 11.85 15.06 -32.77
N LEU E 61 11.59 13.75 -32.79
CA LEU E 61 12.42 12.82 -33.54
C LEU E 61 11.95 12.64 -34.98
N ASN E 62 10.68 12.95 -35.28
CA ASN E 62 10.21 12.93 -36.66
C ASN E 62 10.81 14.04 -37.51
N ASP E 63 11.60 14.95 -36.91
CA ASP E 63 12.20 16.03 -37.66
C ASP E 63 13.49 15.61 -38.34
N LEU E 64 14.21 14.65 -37.77
CA LEU E 64 15.48 14.20 -38.34
C LEU E 64 15.27 13.68 -39.75
N CYS E 65 16.07 14.20 -40.69
CA CYS E 65 15.91 13.83 -42.10
C CYS E 65 16.19 12.35 -42.31
N PHE E 66 17.34 11.87 -41.84
CA PHE E 66 17.74 10.49 -42.06
C PHE E 66 17.13 9.58 -41.00
N THR E 67 17.50 8.30 -41.04
CA THR E 67 17.07 7.35 -40.02
C THR E 67 18.12 6.23 -39.98
N ASN E 68 19.10 6.39 -39.10
CA ASN E 68 20.25 5.48 -38.98
C ASN E 68 20.49 5.29 -37.49
N VAL E 69 19.99 4.18 -36.95
CA VAL E 69 19.88 3.99 -35.51
C VAL E 69 20.20 2.55 -35.14
N TYR E 70 20.88 2.37 -34.01
CA TYR E 70 21.16 1.06 -33.43
C TYR E 70 20.12 0.76 -32.35
N ALA E 71 19.56 -0.45 -32.39
CA ALA E 71 18.59 -0.92 -31.42
C ALA E 71 19.21 -2.06 -30.63
N ASP E 72 19.58 -1.79 -29.39
CA ASP E 72 20.16 -2.80 -28.51
C ASP E 72 19.09 -3.30 -27.55
N SER E 73 19.00 -4.63 -27.40
CA SER E 73 17.94 -5.25 -26.61
C SER E 73 18.50 -6.36 -25.73
N PHE E 74 17.95 -6.47 -24.53
CA PHE E 74 18.37 -7.47 -23.55
C PHE E 74 17.34 -7.48 -22.42
N VAL E 75 17.59 -8.32 -21.41
CA VAL E 75 16.72 -8.47 -20.25
C VAL E 75 17.57 -8.38 -18.99
N ILE E 76 17.10 -7.60 -18.01
CA ILE E 76 17.75 -7.44 -16.72
C ILE E 76 16.70 -7.49 -15.62
N ARG E 77 17.15 -7.35 -14.38
CA ARG E 77 16.22 -7.21 -13.26
C ARG E 77 15.52 -5.85 -13.31
N GLY E 78 14.37 -5.78 -12.65
CA GLY E 78 13.72 -4.49 -12.47
C GLY E 78 14.56 -3.53 -11.66
N ASP E 79 15.33 -4.05 -10.69
CA ASP E 79 16.24 -3.23 -9.90
C ASP E 79 17.36 -2.64 -10.74
N GLU E 80 17.70 -3.26 -11.87
CA GLU E 80 18.84 -2.84 -12.68
C GLU E 80 18.46 -1.95 -13.85
N VAL E 81 17.16 -1.61 -13.99
CA VAL E 81 16.75 -0.73 -15.08
C VAL E 81 17.42 0.63 -14.94
N ARG E 82 17.58 1.11 -13.71
CA ARG E 82 18.17 2.43 -13.47
C ARG E 82 19.64 2.51 -13.86
N GLN E 83 20.31 1.37 -14.08
CA GLN E 83 21.71 1.39 -14.50
C GLN E 83 21.87 1.64 -15.99
N ILE E 84 20.82 1.41 -16.79
CA ILE E 84 20.89 1.65 -18.22
C ILE E 84 20.73 3.15 -18.46
N ALA E 85 21.81 3.90 -18.26
CA ALA E 85 21.81 5.35 -18.38
C ALA E 85 23.25 5.83 -18.38
N PRO E 86 23.50 7.03 -18.90
CA PRO E 86 24.86 7.58 -18.84
C PRO E 86 25.31 7.82 -17.41
N GLY E 87 26.58 7.53 -17.14
CA GLY E 87 27.16 7.85 -15.86
C GLY E 87 26.71 7.00 -14.70
N GLN E 88 26.11 5.84 -14.96
CA GLN E 88 25.66 4.94 -13.91
C GLN E 88 26.71 3.86 -13.66
N THR E 89 26.75 3.38 -12.43
CA THR E 89 27.65 2.31 -12.01
C THR E 89 26.82 1.11 -11.53
N GLY E 90 27.51 0.03 -11.21
CA GLY E 90 26.88 -1.21 -10.82
C GLY E 90 27.27 -2.36 -11.74
N LYS E 91 26.87 -3.56 -11.33
CA LYS E 91 27.27 -4.77 -12.03
C LYS E 91 26.87 -4.73 -13.50
N ILE E 92 25.70 -4.17 -13.81
CA ILE E 92 25.23 -4.14 -15.19
C ILE E 92 25.96 -3.06 -15.99
N ALA E 93 26.03 -1.85 -15.43
CA ALA E 93 26.65 -0.74 -16.16
C ALA E 93 28.16 -0.89 -16.23
N ASP E 94 28.79 -1.53 -15.25
CA ASP E 94 30.23 -1.71 -15.26
C ASP E 94 30.66 -2.95 -16.04
N TYR E 95 29.91 -4.05 -15.94
CA TYR E 95 30.37 -5.33 -16.47
C TYR E 95 29.52 -5.89 -17.60
N ASN E 96 28.35 -5.31 -17.90
CA ASN E 96 27.43 -5.90 -18.88
C ASN E 96 27.13 -4.96 -20.03
N TYR E 97 26.54 -3.79 -19.78
CA TYR E 97 26.14 -2.88 -20.83
C TYR E 97 26.44 -1.46 -20.36
N LYS E 98 27.37 -0.79 -21.04
CA LYS E 98 27.84 0.53 -20.64
C LYS E 98 27.45 1.55 -21.69
N LEU E 99 26.70 2.58 -21.27
CA LEU E 99 26.37 3.73 -22.10
C LEU E 99 27.38 4.84 -21.89
N PRO E 100 27.74 5.57 -22.95
CA PRO E 100 28.69 6.68 -22.79
C PRO E 100 28.08 7.85 -22.06
N ASP E 101 28.94 8.76 -21.60
CA ASP E 101 28.49 9.93 -20.86
C ASP E 101 27.76 10.92 -21.76
N ASP E 102 28.12 10.98 -23.05
CA ASP E 102 27.47 11.85 -24.02
C ASP E 102 26.47 11.08 -24.87
N PHE E 103 25.66 10.23 -24.24
CA PHE E 103 24.75 9.37 -24.98
C PHE E 103 23.66 10.19 -25.65
N THR E 104 23.40 9.88 -26.92
CA THR E 104 22.34 10.51 -27.71
C THR E 104 21.37 9.41 -28.13
N GLY E 105 20.28 9.25 -27.38
CA GLY E 105 19.32 8.22 -27.69
C GLY E 105 18.31 8.07 -26.58
N CYS E 106 17.56 6.98 -26.65
CA CYS E 106 16.47 6.72 -25.71
C CYS E 106 16.60 5.31 -25.16
N VAL E 107 16.17 5.15 -23.90
CA VAL E 107 16.12 3.86 -23.22
C VAL E 107 14.66 3.52 -22.98
N ILE E 108 14.25 2.33 -23.42
CA ILE E 108 12.86 1.90 -23.33
C ILE E 108 12.83 0.53 -22.66
N ALA E 109 12.02 0.38 -21.61
CA ALA E 109 11.93 -0.85 -20.86
C ALA E 109 10.49 -1.10 -20.43
N TRP E 110 10.14 -2.37 -20.30
CA TRP E 110 8.81 -2.76 -19.87
C TRP E 110 8.88 -4.10 -19.15
N ASN E 111 8.02 -4.25 -18.13
CA ASN E 111 7.97 -5.48 -17.36
C ASN E 111 7.58 -6.65 -18.26
N SER E 112 8.35 -7.73 -18.17
CA SER E 112 8.10 -8.93 -18.97
C SER E 112 8.06 -10.17 -18.08
N ASN E 113 7.48 -10.03 -16.89
CA ASN E 113 7.33 -11.17 -16.00
C ASN E 113 6.41 -12.23 -16.59
N ASN E 114 5.52 -11.85 -17.50
CA ASN E 114 4.60 -12.78 -18.14
C ASN E 114 5.25 -13.54 -19.30
N LEU E 115 6.52 -13.29 -19.59
CA LEU E 115 7.19 -13.96 -20.72
C LEU E 115 8.48 -14.65 -20.31
N ASP E 116 9.29 -14.02 -19.46
CA ASP E 116 10.67 -14.44 -19.23
C ASP E 116 10.87 -15.09 -17.87
N SER E 117 9.80 -15.52 -17.21
CA SER E 117 9.89 -16.19 -15.92
C SER E 117 9.17 -17.53 -15.99
N LYS E 118 9.81 -18.58 -15.50
CA LYS E 118 9.23 -19.90 -15.42
C LYS E 118 9.02 -20.27 -13.95
N VAL E 119 8.10 -21.22 -13.72
CA VAL E 119 7.72 -21.57 -12.36
C VAL E 119 8.91 -22.12 -11.60
N GLY E 120 9.60 -23.11 -12.17
CA GLY E 120 10.83 -23.58 -11.56
C GLY E 120 11.99 -22.61 -11.64
N GLY E 121 11.79 -21.45 -12.27
CA GLY E 121 12.85 -20.49 -12.48
C GLY E 121 13.35 -20.55 -13.91
N ASN E 122 13.27 -19.42 -14.61
CA ASN E 122 13.79 -19.32 -15.98
C ASN E 122 15.27 -18.99 -15.90
N TYR E 123 16.12 -20.01 -16.07
CA TYR E 123 17.56 -19.85 -15.95
C TYR E 123 18.23 -19.67 -17.32
N ASN E 124 17.53 -19.06 -18.27
CA ASN E 124 18.09 -18.81 -19.60
C ASN E 124 18.76 -17.44 -19.71
N TYR E 125 18.41 -16.49 -18.86
CA TYR E 125 18.97 -15.15 -18.90
C TYR E 125 20.12 -15.05 -17.91
N LEU E 126 21.29 -14.64 -18.41
CA LEU E 126 22.50 -14.55 -17.60
C LEU E 126 22.99 -13.11 -17.54
N TYR E 127 23.88 -12.86 -16.58
CA TYR E 127 24.56 -11.58 -16.47
C TYR E 127 25.97 -11.82 -15.97
N ARG E 128 26.89 -10.96 -16.39
CA ARG E 128 28.28 -11.09 -15.97
C ARG E 128 28.44 -10.58 -14.54
N LEU E 129 28.94 -11.43 -13.66
CA LEU E 129 29.13 -11.10 -12.25
C LEU E 129 30.55 -10.64 -11.93
N PHE E 130 31.55 -11.29 -12.51
CA PHE E 130 32.95 -10.99 -12.23
C PHE E 130 33.62 -10.46 -13.49
N ARG E 131 34.39 -9.40 -13.34
CA ARG E 131 35.20 -8.84 -14.40
C ARG E 131 36.25 -7.93 -13.77
N LYS E 132 37.47 -7.97 -14.32
CA LYS E 132 38.57 -7.24 -13.70
C LYS E 132 38.39 -5.73 -13.84
N SER E 133 38.05 -5.26 -15.04
CA SER E 133 37.89 -3.84 -15.31
C SER E 133 36.53 -3.57 -15.94
N ASN E 134 36.08 -2.33 -15.81
CA ASN E 134 34.79 -1.93 -16.34
C ASN E 134 34.80 -1.94 -17.87
N LEU E 135 33.60 -2.05 -18.44
CA LEU E 135 33.45 -2.06 -19.88
C LEU E 135 33.57 -0.64 -20.44
N LYS E 136 34.14 -0.55 -21.64
CA LYS E 136 34.03 0.67 -22.42
C LYS E 136 32.60 0.81 -22.92
N PRO E 137 32.17 2.02 -23.27
CA PRO E 137 30.81 2.19 -23.79
C PRO E 137 30.55 1.32 -25.01
N PHE E 138 29.40 0.65 -25.01
CA PHE E 138 28.96 -0.21 -26.11
C PHE E 138 29.91 -1.39 -26.34
N GLU E 139 30.63 -1.81 -25.29
CA GLU E 139 31.46 -2.99 -25.38
C GLU E 139 30.64 -4.23 -25.07
N ARG E 140 31.00 -5.34 -25.70
CA ARG E 140 30.25 -6.59 -25.60
C ARG E 140 31.23 -7.71 -25.27
N ASP E 141 31.28 -8.10 -24.00
CA ASP E 141 32.15 -9.17 -23.54
C ASP E 141 31.33 -10.45 -23.41
N ILE E 142 31.58 -11.40 -24.31
CA ILE E 142 30.89 -12.68 -24.31
C ILE E 142 31.77 -13.81 -23.82
N SER E 143 32.98 -13.49 -23.36
CA SER E 143 33.87 -14.52 -22.85
C SER E 143 33.36 -15.05 -21.51
N THR E 144 33.62 -16.33 -21.25
CA THR E 144 33.31 -16.95 -19.98
C THR E 144 34.54 -17.64 -19.41
N GLU E 145 35.70 -16.99 -19.57
CA GLU E 145 36.93 -17.49 -18.97
C GLU E 145 36.79 -17.53 -17.45
N ILE E 146 37.36 -18.57 -16.84
CA ILE E 146 37.27 -18.73 -15.39
C ILE E 146 37.93 -17.55 -14.71
N TYR E 147 37.17 -16.84 -13.88
CA TYR E 147 37.66 -15.63 -13.25
C TYR E 147 38.58 -15.96 -12.08
N GLN E 148 39.79 -15.40 -12.11
CA GLN E 148 40.76 -15.63 -11.04
C GLN E 148 40.58 -14.55 -9.99
N ALA E 149 39.95 -14.92 -8.87
CA ALA E 149 39.74 -14.00 -7.76
C ALA E 149 40.91 -13.95 -6.79
N GLY E 150 41.76 -14.98 -6.78
CA GLY E 150 42.85 -15.04 -5.84
C GLY E 150 44.23 -14.95 -6.46
N SER E 151 45.24 -15.37 -5.70
CA SER E 151 46.63 -15.25 -6.16
C SER E 151 46.98 -16.32 -7.18
N THR E 152 46.59 -17.57 -6.93
CA THR E 152 46.99 -18.67 -7.80
C THR E 152 46.06 -18.72 -9.02
N PRO E 153 46.60 -19.08 -10.19
CA PRO E 153 45.77 -19.13 -11.40
C PRO E 153 44.80 -20.30 -11.36
N CYS E 154 43.92 -20.34 -12.36
CA CYS E 154 42.85 -21.32 -12.45
C CYS E 154 43.04 -22.33 -13.56
N ASN E 155 43.51 -21.90 -14.72
CA ASN E 155 43.72 -22.77 -15.89
C ASN E 155 42.41 -23.46 -16.30
N GLY E 156 41.36 -22.66 -16.40
CA GLY E 156 40.05 -23.16 -16.83
C GLY E 156 39.35 -24.06 -15.84
N VAL E 157 39.88 -24.22 -14.64
CA VAL E 157 39.29 -25.11 -13.64
C VAL E 157 38.58 -24.26 -12.58
N GLU E 158 37.32 -24.59 -12.32
CA GLU E 158 36.57 -23.89 -11.29
C GLU E 158 37.06 -24.29 -9.90
N GLY E 159 36.48 -23.69 -8.89
CA GLY E 159 36.83 -23.95 -7.51
C GLY E 159 36.86 -22.66 -6.72
N PHE E 160 37.59 -22.68 -5.61
CA PHE E 160 37.73 -21.49 -4.78
C PHE E 160 38.62 -20.47 -5.47
N ASN E 161 38.21 -19.20 -5.39
CA ASN E 161 38.87 -18.08 -6.06
C ASN E 161 38.96 -18.27 -7.58
N CYS E 162 38.17 -19.19 -8.12
CA CYS E 162 38.13 -19.49 -9.55
C CYS E 162 36.66 -19.71 -9.91
N TYR E 163 36.00 -18.64 -10.34
CA TYR E 163 34.57 -18.63 -10.51
C TYR E 163 34.17 -18.43 -11.96
N PHE E 164 33.08 -19.05 -12.35
CA PHE E 164 32.47 -18.79 -13.65
C PHE E 164 31.97 -17.35 -13.66
N PRO E 165 32.36 -16.53 -14.64
CA PRO E 165 32.08 -15.10 -14.55
C PRO E 165 30.61 -14.74 -14.71
N LEU E 166 29.80 -15.61 -15.30
CA LEU E 166 28.39 -15.33 -15.51
C LEU E 166 27.55 -15.95 -14.39
N GLN E 167 26.42 -15.29 -14.09
CA GLN E 167 25.43 -15.81 -13.17
C GLN E 167 24.05 -15.62 -13.79
N SER E 168 23.12 -16.50 -13.44
CA SER E 168 21.78 -16.48 -13.99
C SER E 168 20.83 -15.76 -13.07
N TYR E 169 19.76 -15.21 -13.65
CA TYR E 169 18.74 -14.54 -12.86
C TYR E 169 17.78 -15.54 -12.21
N GLY E 170 17.38 -16.56 -12.96
CA GLY E 170 16.40 -17.52 -12.46
C GLY E 170 15.07 -16.87 -12.21
N PHE E 171 14.55 -16.17 -13.22
CA PHE E 171 13.30 -15.43 -13.08
C PHE E 171 12.16 -16.36 -12.70
N GLN E 172 11.59 -16.14 -11.53
CA GLN E 172 10.38 -16.81 -11.10
C GLN E 172 9.22 -15.82 -11.10
N PRO E 173 8.01 -16.27 -11.42
CA PRO E 173 6.86 -15.35 -11.40
C PRO E 173 6.53 -14.82 -10.02
N THR E 174 6.99 -15.49 -8.96
CA THR E 174 6.71 -15.07 -7.60
C THR E 174 7.71 -14.05 -7.07
N ASN E 175 8.65 -13.59 -7.91
CA ASN E 175 9.57 -12.56 -7.48
C ASN E 175 8.87 -11.21 -7.37
N GLY E 176 9.46 -10.32 -6.58
CA GLY E 176 9.02 -8.94 -6.60
C GLY E 176 9.47 -8.22 -7.85
N VAL E 177 8.85 -7.08 -8.12
CA VAL E 177 9.11 -6.36 -9.36
C VAL E 177 10.58 -5.98 -9.49
N GLY E 178 11.29 -5.87 -8.36
CA GLY E 178 12.72 -5.61 -8.43
C GLY E 178 13.50 -6.78 -8.99
N TYR E 179 13.05 -8.00 -8.69
CA TYR E 179 13.68 -9.22 -9.20
C TYR E 179 12.98 -9.75 -10.45
N GLN E 180 11.91 -9.12 -10.90
CA GLN E 180 11.20 -9.55 -12.10
C GLN E 180 11.95 -9.10 -13.35
N PRO E 181 11.75 -9.80 -14.47
CA PRO E 181 12.47 -9.45 -15.69
C PRO E 181 11.83 -8.26 -16.41
N TYR E 182 12.69 -7.41 -16.97
CA TYR E 182 12.28 -6.27 -17.78
C TYR E 182 13.03 -6.33 -19.10
N ARG E 183 12.30 -6.20 -20.21
CA ARG E 183 12.91 -6.16 -21.52
C ARG E 183 13.28 -4.73 -21.87
N VAL E 184 14.55 -4.52 -22.23
CA VAL E 184 15.11 -3.19 -22.44
C VAL E 184 15.47 -3.04 -23.92
N VAL E 185 15.14 -1.89 -24.49
CA VAL E 185 15.55 -1.53 -25.85
C VAL E 185 16.20 -0.16 -25.80
N VAL E 186 17.42 -0.06 -26.34
CA VAL E 186 18.20 1.17 -26.32
C VAL E 186 18.44 1.60 -27.75
N LEU E 187 17.88 2.76 -28.12
CA LEU E 187 18.03 3.31 -29.47
C LEU E 187 19.10 4.37 -29.45
N SER E 188 20.07 4.26 -30.36
CA SER E 188 21.21 5.17 -30.45
C SER E 188 21.09 6.00 -31.72
N PHE E 189 20.84 7.29 -31.56
CA PHE E 189 20.60 8.18 -32.69
C PHE E 189 21.90 8.89 -33.10
N GLU E 190 21.90 9.38 -34.35
CA GLU E 190 23.03 10.12 -34.91
C GLU E 190 22.50 11.39 -35.56
N LEU E 191 23.03 12.53 -35.14
CA LEU E 191 22.60 13.82 -35.69
C LEU E 191 23.79 14.77 -35.83
#